data_4YVV
#
_entry.id   4YVV
#
_cell.length_a   47.103
_cell.length_b   48.973
_cell.length_c   83.367
_cell.angle_alpha   74.49
_cell.angle_beta   86.64
_cell.angle_gamma   69.44
#
_symmetry.space_group_name_H-M   'P 1'
#
loop_
_entity.id
_entity.type
_entity.pdbx_description
1 polymer 'Aldo-keto reductase family 1 member C3'
2 non-polymer 'NADP NICOTINAMIDE-ADENINE-DINUCLEOTIDE PHOSPHATE'
3 non-polymer 5-chloro-N-(2-{4-[(cyclohexylcarbamoyl)sulfamoyl]phenyl}ethyl)-2-methoxybenzamide
4 water water
#
_entity_poly.entity_id   1
_entity_poly.type   'polypeptide(L)'
_entity_poly.pdbx_seq_one_letter_code
;MDSKHQCVKLNDGHFMPVLGFGTYAPPEVPRSKALEVTKLAIEAGFRHIDSAHLYNNEEQVGLAIRSKIADGSVKREDIF
YTSKLWSTFHRPELVRPALENSLKKAQLDYVDLYLIHSPMSLKPGEELSPTDENGKVIFDIVDLCTTWEAMEKCKDAGLA
KSIGVSNFNRRQLEMILNKPGLKYKPVCNQVECHPYFNRSKLLDFCKSKDIVLVAYSALGSQRDKRWVDPNSPVLLEDPV
LCALAKKHKRTPALIALRYQLQRGVVVLAKSYNEQRIRQNVQVFEFQLTAEDMKAIDGLDRNLHYFNSDSFASHPNYPYS
DEY
;
_entity_poly.pdbx_strand_id   A,B
#
loop_
_chem_comp.id
_chem_comp.type
_chem_comp.name
_chem_comp.formula
GBM non-polymer 5-chloro-N-(2-{4-[(cyclohexylcarbamoyl)sulfamoyl]phenyl}ethyl)-2-methoxybenzamide 'C23 H28 Cl N3 O5 S'
NAP non-polymer 'NADP NICOTINAMIDE-ADENINE-DINUCLEOTIDE PHOSPHATE' 'C21 H28 N7 O17 P3'
#
# COMPACT_ATOMS: atom_id res chain seq x y z
N GLN A 6 -0.76 -29.31 4.46
CA GLN A 6 -2.26 -29.48 4.46
C GLN A 6 -2.77 -28.91 3.13
N CYS A 7 -2.48 -29.69 2.09
CA CYS A 7 -2.70 -29.32 0.71
C CYS A 7 -3.59 -30.34 0.00
N VAL A 8 -4.14 -29.92 -1.12
CA VAL A 8 -4.75 -30.83 -2.08
C VAL A 8 -3.88 -30.86 -3.32
N LYS A 9 -3.62 -32.04 -3.86
CA LYS A 9 -3.01 -32.14 -5.20
C LYS A 9 -3.99 -31.80 -6.35
N LEU A 10 -3.67 -30.74 -7.09
CA LEU A 10 -4.47 -30.31 -8.25
C LEU A 10 -4.31 -31.24 -9.47
N ASN A 11 -5.19 -31.12 -10.46
CA ASN A 11 -5.09 -31.99 -11.67
C ASN A 11 -3.91 -31.73 -12.60
N ASP A 12 -3.19 -30.61 -12.42
CA ASP A 12 -1.97 -30.36 -13.16
C ASP A 12 -0.71 -30.71 -12.34
N GLY A 13 -0.87 -31.35 -11.17
CA GLY A 13 0.26 -31.80 -10.31
C GLY A 13 0.77 -30.84 -9.23
N HIS A 14 0.41 -29.56 -9.32
CA HIS A 14 0.64 -28.57 -8.27
C HIS A 14 -0.23 -28.78 -7.04
N PHE A 15 0.15 -28.15 -5.94
CA PHE A 15 -0.52 -28.31 -4.65
C PHE A 15 -1.15 -27.00 -4.20
N MET A 16 -2.38 -27.06 -3.71
CA MET A 16 -3.08 -25.90 -3.20
C MET A 16 -3.36 -26.13 -1.73
N PRO A 17 -2.96 -25.14 -0.88
CA PRO A 17 -3.36 -25.26 0.51
C PRO A 17 -4.88 -25.22 0.70
N VAL A 18 -5.39 -26.17 1.49
CA VAL A 18 -6.83 -26.31 1.68
C VAL A 18 -7.46 -25.15 2.41
N LEU A 19 -6.67 -24.34 3.15
CA LEU A 19 -7.18 -23.09 3.78
C LEU A 19 -6.58 -21.89 3.09
N GLY A 20 -7.46 -20.96 2.68
CA GLY A 20 -7.03 -19.74 1.97
C GLY A 20 -7.50 -18.48 2.65
N PHE A 21 -6.70 -17.42 2.53
CA PHE A 21 -7.04 -16.07 3.04
C PHE A 21 -7.71 -15.18 2.00
N GLY A 22 -8.89 -14.67 2.37
CA GLY A 22 -9.67 -13.76 1.53
C GLY A 22 -9.25 -12.32 1.74
N THR A 23 -8.91 -11.62 0.64
CA THR A 23 -8.33 -10.25 0.75
C THR A 23 -9.26 -9.09 0.44
N TYR A 24 -10.45 -9.36 -0.08
CA TYR A 24 -11.33 -8.28 -0.49
C TYR A 24 -11.84 -7.54 0.72
N ALA A 25 -11.78 -6.22 0.62
CA ALA A 25 -12.38 -5.34 1.60
C ALA A 25 -13.03 -4.23 0.82
N PRO A 26 -14.22 -3.78 1.27
CA PRO A 26 -14.92 -2.68 0.58
C PRO A 26 -14.08 -1.40 0.49
N PRO A 27 -14.28 -0.58 -0.58
CA PRO A 27 -13.50 0.65 -0.83
C PRO A 27 -13.40 1.66 0.31
N GLU A 28 -14.24 1.54 1.34
CA GLU A 28 -14.23 2.48 2.46
CA GLU A 28 -14.24 2.48 2.47
C GLU A 28 -13.11 2.15 3.41
N VAL A 29 -12.52 0.95 3.26
CA VAL A 29 -11.40 0.50 4.08
C VAL A 29 -10.14 0.97 3.37
N PRO A 30 -9.26 1.72 4.06
CA PRO A 30 -8.04 2.21 3.44
C PRO A 30 -7.17 1.08 2.90
N ARG A 31 -6.53 1.30 1.76
CA ARG A 31 -5.75 0.29 1.10
C ARG A 31 -4.56 -0.21 1.89
N SER A 32 -4.06 0.57 2.85
CA SER A 32 -3.00 0.12 3.75
C SER A 32 -3.42 -1.10 4.60
N LYS A 33 -4.69 -1.25 4.80
CA LYS A 33 -5.17 -2.32 5.63
C LYS A 33 -4.86 -3.72 5.03
N ALA A 34 -4.96 -3.84 3.71
CA ALA A 34 -4.78 -5.12 3.04
C ALA A 34 -3.35 -5.58 3.16
N LEU A 35 -2.42 -4.65 3.03
CA LEU A 35 -1.00 -4.92 3.28
C LEU A 35 -0.80 -5.48 4.69
N GLU A 36 -1.35 -4.77 5.64
CA GLU A 36 -1.12 -5.01 7.05
C GLU A 36 -1.72 -6.37 7.47
N VAL A 37 -2.98 -6.58 7.12
CA VAL A 37 -3.67 -7.87 7.41
C VAL A 37 -3.20 -9.05 6.63
N THR A 38 -2.60 -8.87 5.44
CA THR A 38 -2.04 -10.00 4.70
C THR A 38 -0.76 -10.49 5.40
N LYS A 39 0.01 -9.55 5.94
CA LYS A 39 1.15 -9.89 6.79
C LYS A 39 0.69 -10.67 7.99
N LEU A 40 -0.33 -10.22 8.68
CA LEU A 40 -0.84 -10.92 9.86
C LEU A 40 -1.28 -12.32 9.47
N ALA A 41 -1.96 -12.45 8.32
CA ALA A 41 -2.46 -13.77 7.83
C ALA A 41 -1.31 -14.78 7.63
N ILE A 42 -0.23 -14.28 7.06
CA ILE A 42 0.98 -15.06 6.87
C ILE A 42 1.62 -15.41 8.20
N GLU A 43 1.72 -14.42 9.08
CA GLU A 43 2.22 -14.62 10.44
C GLU A 43 1.41 -15.70 11.13
N ALA A 44 0.09 -15.63 11.04
CA ALA A 44 -0.76 -16.73 11.57
C ALA A 44 -0.60 -18.09 10.92
N GLY A 45 -0.07 -18.16 9.69
CA GLY A 45 0.11 -19.43 9.01
C GLY A 45 -0.72 -19.67 7.75
N PHE A 46 -1.52 -18.72 7.31
CA PHE A 46 -2.11 -18.81 5.99
C PHE A 46 -0.99 -18.79 4.99
N ARG A 47 -1.08 -19.67 4.00
CA ARG A 47 -0.16 -19.68 2.90
C ARG A 47 -0.80 -19.46 1.57
N HIS A 48 -2.08 -19.76 1.46
CA HIS A 48 -2.87 -19.56 0.27
C HIS A 48 -3.55 -18.21 0.46
N ILE A 49 -3.39 -17.34 -0.54
CA ILE A 49 -3.91 -15.97 -0.52
C ILE A 49 -4.69 -15.70 -1.82
N ASP A 50 -5.90 -15.16 -1.69
CA ASP A 50 -6.86 -15.02 -2.78
C ASP A 50 -7.20 -13.56 -3.01
N SER A 51 -6.86 -13.09 -4.20
CA SER A 51 -7.07 -11.71 -4.63
C SER A 51 -7.53 -11.77 -6.11
N ALA A 52 -7.52 -10.61 -6.76
CA ALA A 52 -8.13 -10.39 -8.06
C ALA A 52 -7.97 -8.90 -8.47
N HIS A 53 -7.90 -8.66 -9.78
CA HIS A 53 -7.88 -7.33 -10.34
C HIS A 53 -9.02 -6.51 -9.84
N LEU A 54 -10.18 -7.13 -9.69
CA LEU A 54 -11.37 -6.42 -9.21
C LEU A 54 -11.15 -5.79 -7.86
N TYR A 55 -10.33 -6.41 -7.02
CA TYR A 55 -10.29 -6.05 -5.61
C TYR A 55 -9.48 -4.76 -5.30
N ASN A 56 -8.77 -4.25 -6.29
CA ASN A 56 -7.98 -3.05 -6.10
C ASN A 56 -7.07 -3.09 -4.87
N ASN A 57 -6.39 -4.22 -4.74
CA ASN A 57 -5.48 -4.47 -3.62
C ASN A 57 -4.28 -5.33 -3.94
N GLU A 58 -4.10 -5.71 -5.21
CA GLU A 58 -3.02 -6.60 -5.55
C GLU A 58 -1.62 -6.02 -5.22
N GLU A 59 -1.45 -4.72 -5.34
CA GLU A 59 -0.18 -4.10 -5.01
C GLU A 59 0.14 -4.29 -3.55
N GLN A 60 -0.86 -4.11 -2.69
CA GLN A 60 -0.72 -4.21 -1.22
C GLN A 60 -0.54 -5.63 -0.72
N VAL A 61 -1.29 -6.55 -1.34
CA VAL A 61 -1.18 -7.95 -1.03
C VAL A 61 0.18 -8.46 -1.49
N GLY A 62 0.59 -8.07 -2.72
CA GLY A 62 1.93 -8.36 -3.27
C GLY A 62 3.06 -7.86 -2.36
N LEU A 63 2.87 -6.68 -1.79
CA LEU A 63 3.86 -6.05 -0.91
C LEU A 63 3.98 -6.80 0.44
N ALA A 64 2.84 -7.20 1.01
CA ALA A 64 2.78 -8.02 2.22
C ALA A 64 3.57 -9.30 2.02
N ILE A 65 3.37 -9.94 0.87
CA ILE A 65 4.10 -11.15 0.52
C ILE A 65 5.59 -10.86 0.43
N ARG A 66 5.93 -9.86 -0.37
CA ARG A 66 7.33 -9.40 -0.49
C ARG A 66 7.98 -9.11 0.88
N SER A 67 7.24 -8.43 1.74
CA SER A 67 7.72 -8.13 3.07
C SER A 67 8.02 -9.41 3.90
N LYS A 68 7.11 -10.39 3.87
CA LYS A 68 7.29 -11.63 4.62
C LYS A 68 8.36 -12.54 4.06
N ILE A 69 8.67 -12.38 2.78
CA ILE A 69 9.80 -13.08 2.19
C ILE A 69 11.11 -12.45 2.65
N ALA A 70 11.17 -11.10 2.61
CA ALA A 70 12.35 -10.27 2.99
C ALA A 70 12.77 -10.46 4.46
N ASP A 71 11.81 -10.54 5.37
CA ASP A 71 12.09 -10.71 6.79
C ASP A 71 12.29 -12.21 7.16
N GLY A 72 12.36 -13.07 6.14
CA GLY A 72 12.72 -14.45 6.32
C GLY A 72 11.65 -15.40 6.83
N SER A 73 10.40 -14.96 7.00
CA SER A 73 9.31 -15.85 7.46
C SER A 73 8.93 -16.94 6.47
N VAL A 74 8.94 -16.63 5.19
CA VAL A 74 8.54 -17.54 4.10
C VAL A 74 9.42 -17.32 2.89
N LYS A 75 9.40 -18.32 2.01
CA LYS A 75 9.93 -18.20 0.66
C LYS A 75 8.76 -18.05 -0.31
N ARG A 76 9.00 -17.39 -1.44
CA ARG A 76 7.99 -17.35 -2.51
C ARG A 76 7.29 -18.69 -2.79
N GLU A 77 8.04 -19.80 -2.76
CA GLU A 77 7.53 -21.13 -3.10
CA GLU A 77 7.51 -21.13 -3.11
C GLU A 77 6.57 -21.66 -2.00
N ASP A 78 6.62 -21.07 -0.82
CA ASP A 78 5.73 -21.46 0.26
C ASP A 78 4.33 -20.82 0.16
N ILE A 79 4.21 -19.76 -0.64
CA ILE A 79 2.97 -18.97 -0.81
C ILE A 79 2.26 -19.44 -2.08
N PHE A 80 0.96 -19.68 -1.95
CA PHE A 80 0.06 -19.95 -3.07
C PHE A 80 -0.82 -18.68 -3.29
N TYR A 81 -0.54 -17.95 -4.38
CA TYR A 81 -1.19 -16.69 -4.66
C TYR A 81 -2.10 -16.77 -5.88
N THR A 82 -3.37 -16.45 -5.66
CA THR A 82 -4.37 -16.49 -6.71
C THR A 82 -4.72 -15.09 -7.15
N SER A 83 -4.74 -14.85 -8.45
CA SER A 83 -5.40 -13.66 -9.01
C SER A 83 -6.50 -14.10 -9.96
N LYS A 84 -7.23 -13.15 -10.50
CA LYS A 84 -8.35 -13.46 -11.36
C LYS A 84 -8.46 -12.43 -12.48
N LEU A 85 -8.74 -12.95 -13.67
CA LEU A 85 -9.08 -12.16 -14.86
C LEU A 85 -10.47 -11.57 -14.75
N TRP A 86 -10.59 -10.24 -14.83
CA TRP A 86 -11.89 -9.59 -14.69
C TRP A 86 -12.62 -9.68 -16.08
N SER A 87 -13.94 -9.64 -16.04
CA SER A 87 -14.83 -9.92 -17.15
C SER A 87 -14.75 -8.93 -18.33
N THR A 88 -14.14 -7.78 -18.12
CA THR A 88 -13.84 -6.85 -19.20
C THR A 88 -12.66 -7.28 -20.06
N PHE A 89 -11.93 -8.33 -19.64
CA PHE A 89 -10.72 -8.82 -20.30
C PHE A 89 -10.87 -10.25 -20.81
N HIS A 90 -12.09 -10.66 -21.11
CA HIS A 90 -12.33 -12.02 -21.64
C HIS A 90 -11.85 -12.28 -23.08
N ARG A 91 -11.77 -11.23 -23.88
CA ARG A 91 -11.33 -11.41 -25.24
C ARG A 91 -9.88 -11.89 -25.20
N PRO A 92 -9.53 -12.90 -26.02
CA PRO A 92 -8.24 -13.58 -25.93
C PRO A 92 -7.04 -12.65 -25.92
N GLU A 93 -7.06 -11.63 -26.77
CA GLU A 93 -5.95 -10.69 -26.84
C GLU A 93 -5.76 -9.89 -25.56
N LEU A 94 -6.80 -9.77 -24.72
CA LEU A 94 -6.70 -9.01 -23.46
C LEU A 94 -6.26 -9.83 -22.27
N VAL A 95 -6.12 -11.14 -22.42
CA VAL A 95 -5.93 -12.03 -21.25
C VAL A 95 -4.51 -11.95 -20.66
N ARG A 96 -3.53 -12.09 -21.54
CA ARG A 96 -2.15 -12.01 -21.15
C ARG A 96 -1.76 -10.60 -20.59
N PRO A 97 -2.07 -9.54 -21.34
CA PRO A 97 -1.85 -8.23 -20.72
C PRO A 97 -2.51 -8.02 -19.34
N ALA A 98 -3.72 -8.57 -19.14
CA ALA A 98 -4.39 -8.47 -17.83
C ALA A 98 -3.57 -9.13 -16.74
N LEU A 99 -3.13 -10.35 -17.02
CA LEU A 99 -2.25 -11.05 -16.11
C LEU A 99 -0.97 -10.28 -15.80
N GLU A 100 -0.31 -9.82 -16.85
CA GLU A 100 1.01 -9.17 -16.71
C GLU A 100 0.85 -7.92 -15.92
N ASN A 101 -0.27 -7.23 -16.11
CA ASN A 101 -0.56 -6.11 -15.25
C ASN A 101 -0.77 -6.47 -13.71
N SER A 102 -1.58 -7.48 -13.44
CA SER A 102 -1.65 -8.11 -12.13
C SER A 102 -0.28 -8.42 -11.53
N LEU A 103 0.59 -9.08 -12.31
CA LEU A 103 1.92 -9.46 -11.87
C LEU A 103 2.80 -8.27 -11.58
N LYS A 104 2.80 -7.29 -12.48
CA LYS A 104 3.49 -6.01 -12.27
C LYS A 104 2.98 -5.27 -11.00
N LYS A 105 1.67 -5.11 -10.85
CA LYS A 105 1.16 -4.52 -9.63
C LYS A 105 1.66 -5.26 -8.37
N ALA A 106 1.50 -6.59 -8.35
CA ALA A 106 1.90 -7.39 -7.19
C ALA A 106 3.41 -7.50 -6.95
N GLN A 107 4.21 -7.13 -7.94
CA GLN A 107 5.63 -7.47 -8.02
C GLN A 107 5.91 -8.97 -7.80
N LEU A 108 5.21 -9.80 -8.54
CA LEU A 108 5.50 -11.18 -8.58
C LEU A 108 5.90 -11.46 -10.01
N ASP A 109 6.65 -12.55 -10.17
CA ASP A 109 7.02 -13.07 -11.45
C ASP A 109 5.90 -13.95 -11.98
N TYR A 110 5.19 -14.65 -11.07
CA TYR A 110 4.10 -15.54 -11.44
C TYR A 110 3.00 -15.55 -10.35
N VAL A 111 1.77 -15.79 -10.78
CA VAL A 111 0.71 -16.23 -9.88
C VAL A 111 0.69 -17.75 -9.83
N ASP A 112 0.34 -18.29 -8.68
CA ASP A 112 0.17 -19.73 -8.53
C ASP A 112 -1.11 -20.21 -9.15
N LEU A 113 -2.07 -19.32 -9.25
CA LEU A 113 -3.33 -19.70 -9.84
C LEU A 113 -3.95 -18.48 -10.41
N TYR A 114 -4.53 -18.61 -11.61
CA TYR A 114 -5.23 -17.52 -12.22
C TYR A 114 -6.60 -18.02 -12.65
N LEU A 115 -7.65 -17.26 -12.36
CA LEU A 115 -9.00 -17.69 -12.64
C LEU A 115 -9.71 -16.76 -13.60
N ILE A 116 -10.62 -17.33 -14.38
CA ILE A 116 -11.67 -16.55 -14.98
C ILE A 116 -12.58 -16.17 -13.81
N HIS A 117 -12.59 -14.91 -13.43
CA HIS A 117 -13.39 -14.48 -12.28
C HIS A 117 -14.90 -14.90 -12.40
N SER A 118 -15.43 -14.83 -13.61
CA SER A 118 -16.84 -14.93 -13.88
C SER A 118 -17.07 -15.24 -15.38
N PRO A 119 -18.10 -16.04 -15.67
CA PRO A 119 -18.42 -16.33 -17.08
C PRO A 119 -19.12 -15.16 -17.77
N MET A 120 -19.52 -14.13 -16.99
CA MET A 120 -20.30 -12.98 -17.48
C MET A 120 -19.48 -11.83 -18.09
N SER A 121 -19.21 -11.93 -19.39
CA SER A 121 -18.32 -11.01 -20.13
C SER A 121 -18.87 -9.62 -20.16
N LEU A 122 -18.01 -8.64 -20.04
CA LEU A 122 -18.46 -7.23 -20.07
C LEU A 122 -17.67 -6.51 -21.10
N LYS A 123 -18.22 -5.41 -21.56
CA LYS A 123 -17.61 -4.55 -22.57
C LYS A 123 -16.17 -4.22 -22.20
N PRO A 124 -15.20 -4.47 -23.13
CA PRO A 124 -13.77 -4.07 -22.90
C PRO A 124 -13.56 -2.57 -22.70
N GLY A 125 -12.62 -2.21 -21.86
CA GLY A 125 -12.27 -0.81 -21.65
C GLY A 125 -11.61 -0.64 -20.30
N GLU A 126 -11.56 0.63 -19.86
CA GLU A 126 -10.98 0.95 -18.55
C GLU A 126 -12.02 1.07 -17.43
N GLU A 127 -13.26 0.75 -17.76
CA GLU A 127 -14.25 0.50 -16.73
C GLU A 127 -14.15 -0.91 -16.22
N LEU A 128 -14.31 -1.04 -14.90
CA LEU A 128 -14.63 -2.31 -14.29
C LEU A 128 -16.11 -2.59 -14.53
N SER A 129 -16.92 -1.53 -14.48
CA SER A 129 -18.36 -1.56 -14.67
C SER A 129 -18.84 -0.66 -15.80
N PRO A 130 -18.61 -1.10 -17.04
CA PRO A 130 -19.05 -0.25 -18.17
C PRO A 130 -20.61 -0.15 -18.24
N THR A 131 -21.14 1.08 -18.32
CA THR A 131 -22.61 1.29 -18.40
C THR A 131 -22.97 2.26 -19.52
N ASP A 132 -24.14 2.05 -20.11
CA ASP A 132 -24.55 2.82 -21.26
C ASP A 132 -25.22 4.11 -20.85
N GLU A 133 -25.79 4.76 -21.85
CA GLU A 133 -26.50 6.02 -21.70
C GLU A 133 -27.64 6.02 -20.67
N ASN A 134 -28.30 4.87 -20.51
CA ASN A 134 -29.31 4.66 -19.45
C ASN A 134 -28.81 3.99 -18.18
N GLY A 135 -27.51 4.05 -17.89
CA GLY A 135 -26.92 3.42 -16.72
C GLY A 135 -27.02 1.90 -16.62
N LYS A 136 -27.27 1.21 -17.75
CA LYS A 136 -27.38 -0.25 -17.79
C LYS A 136 -26.00 -0.84 -18.05
N VAL A 137 -25.64 -1.91 -17.34
CA VAL A 137 -24.37 -2.58 -17.54
C VAL A 137 -24.29 -3.11 -18.99
N ILE A 138 -23.16 -2.85 -19.65
CA ILE A 138 -22.96 -3.26 -21.03
C ILE A 138 -22.24 -4.60 -21.00
N PHE A 139 -22.99 -5.65 -21.35
CA PHE A 139 -22.48 -7.00 -21.52
C PHE A 139 -21.67 -7.06 -22.84
N ASP A 140 -20.78 -8.05 -22.91
CA ASP A 140 -20.08 -8.38 -24.10
C ASP A 140 -20.42 -9.81 -24.37
N ILE A 141 -20.21 -10.27 -25.60
CA ILE A 141 -20.38 -11.66 -25.96
C ILE A 141 -19.07 -12.25 -26.44
N VAL A 142 -18.57 -13.25 -25.69
CA VAL A 142 -17.25 -13.83 -25.94
C VAL A 142 -17.34 -15.34 -25.85
N ASP A 143 -16.65 -16.02 -26.77
CA ASP A 143 -16.63 -17.46 -26.66
C ASP A 143 -15.59 -17.82 -25.60
N LEU A 144 -16.05 -18.20 -24.41
CA LEU A 144 -15.11 -18.52 -23.32
C LEU A 144 -14.13 -19.66 -23.62
N CYS A 145 -14.45 -20.58 -24.54
CA CYS A 145 -13.45 -21.54 -24.98
C CYS A 145 -12.19 -20.82 -25.48
N THR A 146 -12.34 -19.61 -26.06
CA THR A 146 -11.19 -18.83 -26.59
C THR A 146 -10.42 -18.09 -25.50
N THR A 147 -11.15 -17.57 -24.55
CA THR A 147 -10.57 -17.01 -23.31
C THR A 147 -9.72 -18.04 -22.60
N TRP A 148 -10.29 -19.24 -22.49
CA TRP A 148 -9.62 -20.38 -21.88
C TRP A 148 -8.33 -20.72 -22.64
N GLU A 149 -8.38 -20.79 -23.98
CA GLU A 149 -7.11 -21.00 -24.74
C GLU A 149 -6.01 -20.00 -24.40
N ALA A 150 -6.41 -18.76 -24.19
CA ALA A 150 -5.48 -17.70 -23.86
C ALA A 150 -5.00 -17.94 -22.41
N MET A 151 -5.87 -18.47 -21.54
CA MET A 151 -5.46 -18.88 -20.19
C MET A 151 -4.39 -19.95 -20.24
N GLU A 152 -4.61 -20.95 -21.10
CA GLU A 152 -3.66 -22.05 -21.33
C GLU A 152 -2.26 -21.55 -21.76
N LYS A 153 -2.24 -20.52 -22.61
CA LYS A 153 -1.00 -19.94 -23.06
C LYS A 153 -0.28 -19.20 -21.90
N CYS A 154 -1.05 -18.63 -20.96
CA CYS A 154 -0.47 -18.00 -19.77
C CYS A 154 0.24 -19.03 -18.85
N LYS A 155 -0.29 -20.24 -18.79
CA LYS A 155 0.31 -21.34 -18.06
C LYS A 155 1.61 -21.79 -18.74
N ASP A 156 1.54 -22.01 -20.04
CA ASP A 156 2.69 -22.39 -20.81
C ASP A 156 3.79 -21.35 -20.75
N ALA A 157 3.41 -20.09 -20.75
CA ALA A 157 4.34 -19.03 -20.58
C ALA A 157 4.90 -18.90 -19.14
N GLY A 158 4.54 -19.86 -18.24
CA GLY A 158 4.94 -19.83 -16.83
C GLY A 158 4.43 -18.69 -15.97
N LEU A 159 3.50 -17.89 -16.49
CA LEU A 159 3.02 -16.73 -15.78
C LEU A 159 2.00 -17.13 -14.72
N ALA A 160 1.40 -18.30 -14.91
CA ALA A 160 0.43 -18.81 -14.01
C ALA A 160 0.67 -20.29 -13.90
N LYS A 161 0.92 -20.76 -12.69
CA LYS A 161 1.29 -22.15 -12.51
C LYS A 161 0.08 -23.02 -12.75
N SER A 162 -1.08 -22.55 -12.32
CA SER A 162 -2.31 -23.25 -12.54
C SER A 162 -3.34 -22.26 -13.02
N ILE A 163 -4.34 -22.77 -13.71
CA ILE A 163 -5.43 -22.00 -14.23
C ILE A 163 -6.74 -22.69 -13.90
N GLY A 164 -7.78 -21.93 -13.70
CA GLY A 164 -9.09 -22.50 -13.35
C GLY A 164 -10.13 -21.45 -13.58
N VAL A 165 -11.33 -21.69 -13.04
CA VAL A 165 -12.47 -20.81 -13.24
C VAL A 165 -13.19 -20.43 -11.92
N SER A 166 -14.14 -19.52 -12.00
CA SER A 166 -14.90 -19.09 -10.84
C SER A 166 -16.30 -18.64 -11.28
N ASN A 167 -17.27 -18.95 -10.45
CA ASN A 167 -18.70 -18.69 -10.77
C ASN A 167 -19.20 -19.39 -12.02
N PHE A 168 -18.59 -20.53 -12.36
CA PHE A 168 -19.12 -21.42 -13.39
C PHE A 168 -20.12 -22.44 -12.81
N ASN A 169 -21.20 -22.70 -13.57
CA ASN A 169 -22.09 -23.84 -13.31
C ASN A 169 -21.62 -25.06 -14.07
N ARG A 170 -22.33 -26.17 -13.91
CA ARG A 170 -21.92 -27.41 -14.56
C ARG A 170 -21.82 -27.31 -16.10
N ARG A 171 -22.89 -26.85 -16.72
CA ARG A 171 -22.90 -26.62 -18.20
C ARG A 171 -21.72 -25.75 -18.75
N GLN A 172 -21.38 -24.69 -18.04
CA GLN A 172 -20.23 -23.84 -18.38
C GLN A 172 -18.92 -24.63 -18.18
N LEU A 173 -18.84 -25.41 -17.13
CA LEU A 173 -17.67 -26.26 -16.94
C LEU A 173 -17.49 -27.28 -18.08
N GLU A 174 -18.56 -27.99 -18.42
CA GLU A 174 -18.59 -28.96 -19.51
C GLU A 174 -18.16 -28.38 -20.84
N MET A 175 -18.57 -27.13 -21.14
CA MET A 175 -18.13 -26.46 -22.36
C MET A 175 -16.61 -26.43 -22.49
N ILE A 176 -15.94 -26.00 -21.42
CA ILE A 176 -14.47 -26.05 -21.33
C ILE A 176 -13.96 -27.52 -21.39
N LEU A 177 -14.59 -28.42 -20.62
CA LEU A 177 -14.08 -29.81 -20.55
C LEU A 177 -14.17 -30.59 -21.89
N ASN A 178 -15.25 -30.38 -22.62
CA ASN A 178 -15.48 -30.95 -23.92
C ASN A 178 -14.83 -30.18 -25.05
N LYS A 179 -14.22 -29.03 -24.79
CA LYS A 179 -13.53 -28.27 -25.85
C LYS A 179 -12.55 -29.17 -26.64
N PRO A 180 -12.66 -29.17 -28.00
CA PRO A 180 -11.71 -29.90 -28.85
C PRO A 180 -10.28 -29.40 -28.68
N GLY A 181 -9.36 -30.32 -28.39
CA GLY A 181 -7.93 -29.99 -28.26
C GLY A 181 -7.61 -29.28 -26.95
N LEU A 182 -8.45 -29.49 -25.94
CA LEU A 182 -8.25 -28.93 -24.62
C LEU A 182 -6.87 -29.36 -24.18
N LYS A 183 -6.03 -28.43 -23.76
CA LYS A 183 -4.74 -28.78 -23.19
C LYS A 183 -4.78 -28.94 -21.68
N TYR A 184 -5.46 -28.03 -20.99
CA TYR A 184 -5.51 -28.03 -19.50
C TYR A 184 -6.94 -27.87 -18.99
N LYS A 185 -7.38 -28.86 -18.23
CA LYS A 185 -8.55 -28.77 -17.44
C LYS A 185 -8.39 -27.61 -16.44
N PRO A 186 -9.51 -26.92 -16.13
CA PRO A 186 -9.48 -26.01 -14.97
C PRO A 186 -9.16 -26.77 -13.71
N VAL A 187 -8.19 -26.30 -12.92
CA VAL A 187 -7.92 -27.01 -11.66
C VAL A 187 -9.04 -26.89 -10.66
N CYS A 188 -9.82 -25.84 -10.77
CA CYS A 188 -10.82 -25.55 -9.73
C CYS A 188 -11.91 -24.68 -10.29
N ASN A 189 -12.97 -24.58 -9.51
CA ASN A 189 -14.08 -23.68 -9.73
C ASN A 189 -14.35 -23.07 -8.37
N GLN A 190 -13.98 -21.81 -8.24
CA GLN A 190 -14.25 -21.01 -7.06
C GLN A 190 -15.67 -20.41 -7.10
N VAL A 191 -16.49 -20.85 -6.15
CA VAL A 191 -17.93 -20.51 -6.11
C VAL A 191 -18.42 -20.19 -4.68
N GLU A 192 -19.60 -19.59 -4.59
CA GLU A 192 -20.18 -19.29 -3.33
C GLU A 192 -20.57 -20.56 -2.69
N CYS A 193 -20.13 -20.80 -1.49
CA CYS A 193 -20.37 -22.11 -0.89
C CYS A 193 -20.33 -22.03 0.63
N HIS A 194 -21.41 -22.43 1.27
CA HIS A 194 -21.58 -22.35 2.73
C HIS A 194 -22.77 -23.27 3.15
N PRO A 195 -23.05 -23.40 4.46
CA PRO A 195 -24.13 -24.38 4.79
C PRO A 195 -25.52 -24.00 4.27
N TYR A 196 -25.77 -22.71 4.03
CA TYR A 196 -27.01 -22.30 3.42
C TYR A 196 -27.02 -22.39 1.87
N PHE A 197 -25.97 -22.90 1.26
CA PHE A 197 -25.86 -23.02 -0.18
C PHE A 197 -24.63 -23.90 -0.38
N ASN A 198 -24.78 -25.20 -0.16
CA ASN A 198 -23.63 -26.10 -0.04
C ASN A 198 -23.06 -26.62 -1.32
N ARG A 199 -23.80 -26.38 -2.40
CA ARG A 199 -23.43 -26.76 -3.74
C ARG A 199 -23.13 -28.26 -3.87
N SER A 200 -23.88 -29.14 -3.20
CA SER A 200 -23.53 -30.56 -3.18
C SER A 200 -23.49 -31.19 -4.57
N LYS A 201 -24.46 -30.87 -5.43
CA LYS A 201 -24.51 -31.42 -6.81
C LYS A 201 -23.34 -30.95 -7.61
N LEU A 202 -23.04 -29.66 -7.53
CA LEU A 202 -21.87 -29.10 -8.21
C LEU A 202 -20.61 -29.74 -7.67
N LEU A 203 -20.53 -29.90 -6.37
CA LEU A 203 -19.37 -30.52 -5.77
C LEU A 203 -19.12 -31.95 -6.28
N ASP A 204 -20.16 -32.77 -6.28
CA ASP A 204 -20.08 -34.09 -6.84
C ASP A 204 -19.65 -34.13 -8.33
N PHE A 205 -20.20 -33.25 -9.13
CA PHE A 205 -19.73 -33.14 -10.49
C PHE A 205 -18.26 -32.80 -10.53
N CYS A 206 -17.90 -31.76 -9.77
CA CYS A 206 -16.51 -31.33 -9.71
C CYS A 206 -15.58 -32.42 -9.29
N LYS A 207 -15.97 -33.20 -8.29
CA LYS A 207 -15.19 -34.37 -7.88
C LYS A 207 -15.00 -35.41 -8.99
N SER A 208 -16.07 -35.68 -9.73
CA SER A 208 -16.03 -36.62 -10.83
C SER A 208 -15.13 -36.26 -12.01
N LYS A 209 -14.74 -34.98 -12.09
CA LYS A 209 -13.78 -34.48 -13.10
C LYS A 209 -12.43 -34.07 -12.51
N ASP A 210 -12.21 -34.38 -11.23
CA ASP A 210 -10.96 -34.05 -10.55
C ASP A 210 -10.69 -32.50 -10.59
N ILE A 211 -11.75 -31.74 -10.39
CA ILE A 211 -11.72 -30.27 -10.31
C ILE A 211 -12.04 -29.96 -8.87
N VAL A 212 -11.23 -29.10 -8.24
CA VAL A 212 -11.42 -28.73 -6.85
C VAL A 212 -12.47 -27.63 -6.75
N LEU A 213 -13.47 -27.82 -5.91
CA LEU A 213 -14.36 -26.72 -5.59
C LEU A 213 -13.71 -25.87 -4.50
N VAL A 214 -13.66 -24.55 -4.69
CA VAL A 214 -13.13 -23.63 -3.71
C VAL A 214 -14.29 -22.76 -3.20
N ALA A 215 -14.51 -22.72 -1.89
CA ALA A 215 -15.67 -22.02 -1.33
C ALA A 215 -15.32 -20.57 -1.03
N TYR A 216 -16.12 -19.65 -1.58
CA TYR A 216 -16.06 -18.25 -1.09
C TYR A 216 -17.36 -17.92 -0.38
N SER A 217 -17.35 -16.79 0.33
CA SER A 217 -18.42 -16.42 1.30
C SER A 217 -18.75 -17.58 2.25
N ALA A 218 -17.71 -18.33 2.62
CA ALA A 218 -17.87 -19.53 3.43
C ALA A 218 -18.35 -19.21 4.84
N LEU A 219 -18.08 -18.01 5.30
CA LEU A 219 -18.60 -17.50 6.54
C LEU A 219 -19.90 -16.64 6.42
N GLY A 220 -20.56 -16.64 5.26
CA GLY A 220 -21.82 -15.96 5.05
C GLY A 220 -21.71 -14.61 4.42
N SER A 221 -20.55 -14.34 3.82
CA SER A 221 -20.27 -13.09 3.10
C SER A 221 -20.06 -11.96 4.08
N GLN A 222 -19.62 -10.84 3.55
CA GLN A 222 -19.45 -9.62 4.30
C GLN A 222 -20.73 -8.78 4.37
N ARG A 223 -21.83 -9.23 3.77
CA ARG A 223 -23.13 -8.57 3.90
C ARG A 223 -23.09 -7.08 3.48
N ASP A 224 -22.33 -6.78 2.42
CA ASP A 224 -22.20 -5.46 1.85
C ASP A 224 -23.54 -5.02 1.29
N LYS A 225 -24.13 -4.03 1.93
CA LYS A 225 -25.43 -3.41 1.53
C LYS A 225 -25.73 -3.35 0.04
N ARG A 226 -24.71 -3.09 -0.76
CA ARG A 226 -24.88 -2.93 -2.20
C ARG A 226 -25.12 -4.22 -3.00
N TRP A 227 -24.80 -5.41 -2.43
CA TRP A 227 -25.03 -6.72 -3.10
C TRP A 227 -25.82 -7.74 -2.29
N VAL A 228 -26.02 -7.48 -1.00
CA VAL A 228 -26.54 -8.50 -0.10
C VAL A 228 -27.78 -7.94 0.59
N ASP A 229 -28.93 -8.60 0.39
CA ASP A 229 -30.18 -8.28 1.09
C ASP A 229 -29.95 -8.25 2.60
N PRO A 230 -30.17 -7.08 3.26
CA PRO A 230 -30.02 -7.06 4.74
C PRO A 230 -31.01 -7.92 5.52
N ASN A 231 -32.12 -8.31 4.89
CA ASN A 231 -33.08 -9.28 5.45
C ASN A 231 -32.64 -10.75 5.34
N SER A 232 -31.53 -11.02 4.65
CA SER A 232 -31.07 -12.40 4.49
C SER A 232 -30.61 -12.95 5.86
N PRO A 233 -30.83 -14.24 6.13
CA PRO A 233 -30.34 -14.75 7.44
C PRO A 233 -28.82 -14.60 7.61
N VAL A 234 -28.39 -14.43 8.86
CA VAL A 234 -26.98 -14.30 9.20
C VAL A 234 -26.42 -15.70 9.45
N LEU A 235 -25.56 -16.16 8.54
CA LEU A 235 -25.08 -17.52 8.64
C LEU A 235 -24.52 -17.87 10.03
N LEU A 236 -23.63 -17.05 10.55
CA LEU A 236 -22.99 -17.36 11.84
C LEU A 236 -23.93 -17.32 13.05
N GLU A 237 -25.13 -16.77 12.90
CA GLU A 237 -26.17 -16.83 13.93
C GLU A 237 -27.00 -18.09 13.89
N ASP A 238 -26.70 -19.00 12.98
CA ASP A 238 -27.50 -20.20 12.80
C ASP A 238 -27.42 -21.05 14.08
N PRO A 239 -28.59 -21.41 14.65
CA PRO A 239 -28.72 -22.31 15.82
C PRO A 239 -27.94 -23.63 15.73
N VAL A 240 -28.06 -24.32 14.61
CA VAL A 240 -27.35 -25.57 14.46
C VAL A 240 -25.85 -25.36 14.51
N LEU A 241 -25.38 -24.26 13.92
CA LEU A 241 -23.94 -23.96 13.92
C LEU A 241 -23.45 -23.45 15.23
N CYS A 242 -24.28 -22.66 15.90
CA CYS A 242 -23.93 -22.20 17.25
C CYS A 242 -23.87 -23.37 18.24
N ALA A 243 -24.82 -24.31 18.08
CA ALA A 243 -24.89 -25.49 18.96
C ALA A 243 -23.71 -26.41 18.79
N LEU A 244 -23.29 -26.64 17.54
CA LEU A 244 -22.04 -27.39 17.27
C LEU A 244 -20.79 -26.63 17.75
N ALA A 245 -20.84 -25.29 17.73
CA ALA A 245 -19.76 -24.48 18.31
C ALA A 245 -19.65 -24.71 19.81
N LYS A 246 -20.78 -24.82 20.52
CA LYS A 246 -20.81 -25.16 21.97
C LYS A 246 -20.32 -26.57 22.25
N LYS A 247 -20.82 -27.53 21.49
CA LYS A 247 -20.37 -28.92 21.61
C LYS A 247 -18.88 -29.07 21.52
N HIS A 248 -18.28 -28.45 20.52
CA HIS A 248 -16.86 -28.67 20.21
C HIS A 248 -15.91 -27.69 20.90
N LYS A 249 -16.48 -26.71 21.61
CA LYS A 249 -15.77 -25.60 22.19
C LYS A 249 -14.99 -24.87 21.12
N ARG A 250 -15.72 -24.38 20.12
CA ARG A 250 -15.16 -23.62 19.01
C ARG A 250 -16.06 -22.45 18.71
N THR A 251 -16.01 -21.90 17.51
CA THR A 251 -16.92 -20.79 17.13
C THR A 251 -17.75 -21.22 15.94
N PRO A 252 -18.86 -20.54 15.71
CA PRO A 252 -19.61 -20.93 14.53
C PRO A 252 -18.83 -20.74 13.21
N ALA A 253 -17.86 -19.83 13.14
CA ALA A 253 -16.99 -19.71 11.94
C ALA A 253 -16.14 -20.99 11.69
N LEU A 254 -15.63 -21.52 12.78
CA LEU A 254 -14.75 -22.66 12.71
C LEU A 254 -15.54 -23.88 12.33
N ILE A 255 -16.84 -23.90 12.72
CA ILE A 255 -17.74 -24.99 12.30
C ILE A 255 -17.92 -24.91 10.78
N ALA A 256 -18.22 -23.70 10.28
CA ALA A 256 -18.43 -23.47 8.82
C ALA A 256 -17.22 -23.81 7.92
N LEU A 257 -16.02 -23.45 8.39
CA LEU A 257 -14.76 -23.77 7.70
C LEU A 257 -14.41 -25.23 7.73
N ARG A 258 -14.57 -25.86 8.90
CA ARG A 258 -14.25 -27.27 9.08
C ARG A 258 -15.17 -28.14 8.25
N TYR A 259 -16.45 -27.78 8.26
CA TYR A 259 -17.41 -28.40 7.36
C TYR A 259 -16.81 -28.56 5.96
N GLN A 260 -16.27 -27.48 5.41
CA GLN A 260 -15.84 -27.50 4.01
C GLN A 260 -14.67 -28.45 3.84
N LEU A 261 -13.75 -28.42 4.83
CA LEU A 261 -12.51 -29.24 4.76
C LEU A 261 -12.79 -30.73 4.75
N GLN A 262 -13.70 -31.16 5.61
CA GLN A 262 -14.15 -32.54 5.69
C GLN A 262 -15.01 -32.96 4.52
N ARG A 263 -15.64 -32.09 3.78
CA ARG A 263 -16.29 -32.57 2.55
C ARG A 263 -15.41 -32.41 1.27
N GLY A 264 -14.07 -32.22 1.47
CA GLY A 264 -13.11 -32.10 0.39
C GLY A 264 -13.25 -30.82 -0.40
N VAL A 265 -13.78 -29.77 0.20
CA VAL A 265 -13.81 -28.44 -0.41
C VAL A 265 -12.65 -27.60 0.14
N VAL A 266 -11.96 -26.87 -0.73
CA VAL A 266 -10.97 -25.88 -0.31
C VAL A 266 -11.70 -24.58 0.02
N VAL A 267 -11.38 -23.99 1.18
CA VAL A 267 -12.19 -22.95 1.79
C VAL A 267 -11.38 -21.71 2.05
N LEU A 268 -11.96 -20.57 1.68
CA LEU A 268 -11.42 -19.27 1.90
C LEU A 268 -12.13 -18.72 3.10
N ALA A 269 -11.38 -17.87 3.83
CA ALA A 269 -11.89 -17.08 4.93
C ALA A 269 -11.26 -15.65 4.89
N LYS A 270 -12.11 -14.65 4.73
CA LYS A 270 -11.70 -13.26 4.90
C LYS A 270 -11.91 -12.79 6.31
N SER A 271 -10.91 -12.09 6.83
CA SER A 271 -10.98 -11.32 8.07
C SER A 271 -9.89 -10.26 8.03
N TYR A 272 -10.26 -9.03 8.40
CA TYR A 272 -9.29 -7.96 8.59
C TYR A 272 -9.10 -7.71 10.09
N ASN A 273 -9.48 -8.66 10.94
CA ASN A 273 -9.28 -8.58 12.38
C ASN A 273 -8.23 -9.60 12.80
N GLU A 274 -7.13 -9.14 13.40
CA GLU A 274 -6.03 -10.00 13.85
C GLU A 274 -6.44 -11.24 14.63
N GLN A 275 -7.39 -11.01 15.53
CA GLN A 275 -7.86 -12.06 16.42
C GLN A 275 -8.56 -13.21 15.67
N ARG A 276 -9.40 -12.85 14.71
CA ARG A 276 -10.16 -13.84 13.92
C ARG A 276 -9.28 -14.43 12.84
N ILE A 277 -8.33 -13.66 12.36
CA ILE A 277 -7.39 -14.24 11.41
C ILE A 277 -6.68 -15.45 12.04
N ARG A 278 -6.14 -15.25 13.23
CA ARG A 278 -5.45 -16.30 13.97
C ARG A 278 -6.43 -17.39 14.44
N GLN A 279 -7.64 -17.04 14.84
CA GLN A 279 -8.64 -18.05 15.14
C GLN A 279 -8.86 -18.98 13.96
N ASN A 280 -9.01 -18.41 12.76
CA ASN A 280 -9.40 -19.24 11.62
C ASN A 280 -8.43 -20.39 11.29
N VAL A 281 -7.14 -20.25 11.59
CA VAL A 281 -6.16 -21.38 11.34
C VAL A 281 -6.36 -22.56 12.32
N GLN A 282 -7.10 -22.34 13.39
CA GLN A 282 -7.50 -23.42 14.29
C GLN A 282 -8.51 -24.42 13.71
N VAL A 283 -8.98 -24.19 12.47
CA VAL A 283 -9.79 -25.16 11.75
C VAL A 283 -9.13 -26.53 11.75
N PHE A 284 -7.79 -26.55 11.67
CA PHE A 284 -7.02 -27.79 11.67
C PHE A 284 -6.98 -28.50 13.01
N GLU A 285 -7.46 -27.90 14.12
CA GLU A 285 -7.23 -28.50 15.43
C GLU A 285 -8.34 -29.42 15.95
N PHE A 286 -9.42 -29.60 15.18
CA PHE A 286 -10.57 -30.39 15.62
C PHE A 286 -11.30 -31.00 14.46
N GLN A 287 -12.23 -31.88 14.79
CA GLN A 287 -12.90 -32.71 13.81
C GLN A 287 -14.41 -32.75 14.10
N LEU A 288 -15.22 -32.55 13.08
CA LEU A 288 -16.67 -32.79 13.17
C LEU A 288 -16.93 -34.27 12.98
N THR A 289 -18.00 -34.79 13.58
CA THR A 289 -18.42 -36.21 13.40
C THR A 289 -19.23 -36.35 12.11
N ALA A 290 -19.43 -37.59 11.66
CA ALA A 290 -20.26 -37.87 10.49
C ALA A 290 -21.65 -37.28 10.66
N GLU A 291 -22.13 -37.25 11.91
CA GLU A 291 -23.46 -36.76 12.22
C GLU A 291 -23.55 -35.24 12.28
N ASP A 292 -22.52 -34.62 12.82
CA ASP A 292 -22.41 -33.18 12.77
C ASP A 292 -22.48 -32.74 11.30
N MET A 293 -21.85 -33.52 10.43
CA MET A 293 -21.71 -33.14 9.03
C MET A 293 -23.06 -33.27 8.35
N LYS A 294 -23.77 -34.34 8.67
CA LYS A 294 -25.15 -34.47 8.19
C LYS A 294 -26.08 -33.38 8.76
N ALA A 295 -25.89 -32.99 10.02
CA ALA A 295 -26.67 -31.90 10.58
C ALA A 295 -26.51 -30.60 9.76
N ILE A 296 -25.26 -30.28 9.38
CA ILE A 296 -24.90 -29.08 8.60
C ILE A 296 -25.41 -29.21 7.14
N ASP A 297 -25.26 -30.39 6.57
CA ASP A 297 -25.86 -30.69 5.29
C ASP A 297 -27.37 -30.31 5.17
N GLY A 298 -28.12 -30.51 6.26
CA GLY A 298 -29.54 -30.22 6.25
C GLY A 298 -29.90 -28.75 6.31
N LEU A 299 -28.89 -27.87 6.45
CA LEU A 299 -29.11 -26.41 6.48
C LEU A 299 -29.22 -25.72 5.13
N ASP A 300 -28.93 -26.47 4.06
CA ASP A 300 -28.97 -25.88 2.74
C ASP A 300 -30.31 -25.22 2.49
N ARG A 301 -30.27 -23.96 2.01
CA ARG A 301 -31.47 -23.30 1.53
C ARG A 301 -31.37 -22.50 0.26
N ASN A 302 -30.37 -22.83 -0.56
CA ASN A 302 -30.21 -22.25 -1.88
C ASN A 302 -30.15 -20.75 -1.80
N LEU A 303 -29.50 -20.26 -0.74
CA LEU A 303 -29.42 -18.85 -0.44
C LEU A 303 -28.09 -18.40 -0.96
N HIS A 304 -28.08 -17.65 -2.05
CA HIS A 304 -26.85 -16.95 -2.41
C HIS A 304 -26.86 -15.50 -1.91
N TYR A 305 -25.84 -15.12 -1.14
CA TYR A 305 -25.74 -13.76 -0.62
C TYR A 305 -25.63 -12.71 -1.68
N PHE A 306 -24.98 -13.03 -2.80
CA PHE A 306 -24.82 -12.09 -3.94
C PHE A 306 -26.02 -11.92 -4.87
N ASN A 307 -26.41 -10.65 -5.11
CA ASN A 307 -27.48 -10.23 -6.07
C ASN A 307 -27.23 -8.92 -6.84
N SER A 308 -27.44 -9.01 -8.15
CA SER A 308 -27.59 -7.87 -9.03
C SER A 308 -28.54 -8.40 -10.08
N ASP A 309 -29.73 -7.79 -10.24
CA ASP A 309 -30.67 -8.20 -11.31
C ASP A 309 -30.30 -7.56 -12.65
N SER A 310 -29.27 -6.70 -12.64
CA SER A 310 -28.49 -6.40 -13.85
C SER A 310 -27.84 -7.71 -14.35
N PHE A 311 -27.24 -8.46 -13.42
CA PHE A 311 -26.54 -9.73 -13.72
C PHE A 311 -27.39 -11.01 -13.94
N ALA A 312 -28.62 -11.05 -13.42
CA ALA A 312 -29.59 -12.12 -13.76
C ALA A 312 -29.94 -12.14 -15.27
N SER A 313 -30.06 -10.96 -15.89
CA SER A 313 -30.37 -10.87 -17.33
C SER A 313 -29.21 -11.31 -18.25
N HIS A 314 -27.95 -11.29 -17.74
CA HIS A 314 -26.74 -11.73 -18.49
C HIS A 314 -26.95 -13.16 -19.01
N PRO A 315 -26.70 -13.41 -20.33
CA PRO A 315 -26.98 -14.77 -20.88
C PRO A 315 -26.16 -15.89 -20.20
N ASN A 316 -24.90 -15.59 -19.88
CA ASN A 316 -24.04 -16.40 -18.98
C ASN A 316 -24.22 -16.36 -17.43
N TYR A 317 -25.28 -15.72 -16.91
CA TYR A 317 -25.64 -15.80 -15.48
C TYR A 317 -25.59 -17.27 -14.98
N PRO A 318 -24.73 -17.59 -13.99
CA PRO A 318 -24.53 -19.03 -13.64
C PRO A 318 -25.74 -19.74 -12.99
N TYR A 319 -26.60 -19.02 -12.29
CA TYR A 319 -27.71 -19.63 -11.53
C TYR A 319 -28.98 -19.81 -12.39
N SER A 320 -28.79 -20.34 -13.62
CA SER A 320 -29.86 -20.60 -14.58
C SER A 320 -30.08 -22.10 -14.69
N GLN B 6 18.46 2.83 14.43
CA GLN B 6 16.99 3.20 14.52
C GLN B 6 16.49 3.77 13.19
N CYS B 7 16.27 2.85 12.24
CA CYS B 7 16.04 3.17 10.84
C CYS B 7 14.84 2.48 10.29
N VAL B 8 14.39 2.97 9.14
CA VAL B 8 13.29 2.39 8.42
C VAL B 8 13.90 1.95 7.10
N LYS B 9 13.46 0.79 6.64
CA LYS B 9 13.94 0.24 5.38
C LYS B 9 13.15 0.85 4.23
N LEU B 10 13.86 1.52 3.33
CA LEU B 10 13.25 2.14 2.16
C LEU B 10 12.95 1.06 1.08
N ASN B 11 12.04 1.39 0.16
CA ASN B 11 11.67 0.47 -0.93
C ASN B 11 12.78 0.12 -1.95
N ASP B 12 13.93 0.79 -1.89
CA ASP B 12 15.07 0.45 -2.72
C ASP B 12 16.10 -0.34 -1.93
N GLY B 13 15.80 -0.70 -0.68
CA GLY B 13 16.70 -1.48 0.13
C GLY B 13 17.51 -0.68 1.14
N HIS B 14 17.83 0.59 0.84
CA HIS B 14 18.64 1.42 1.76
C HIS B 14 17.90 1.76 3.04
N PHE B 15 18.62 2.29 4.03
CA PHE B 15 18.05 2.59 5.34
C PHE B 15 18.14 4.06 5.68
N MET B 16 17.03 4.59 6.22
CA MET B 16 16.89 5.96 6.59
C MET B 16 16.64 6.00 8.09
N PRO B 17 17.43 6.79 8.80
CA PRO B 17 17.12 7.04 10.19
C PRO B 17 15.84 7.82 10.38
N VAL B 18 15.08 7.41 11.38
CA VAL B 18 13.73 7.90 11.61
C VAL B 18 13.72 9.29 12.23
N LEU B 19 14.82 9.68 12.88
CA LEU B 19 15.00 11.04 13.30
C LEU B 19 16.00 11.79 12.37
N GLY B 20 15.56 12.92 11.84
CA GLY B 20 16.39 13.77 10.95
C GLY B 20 16.54 15.16 11.46
N PHE B 21 17.73 15.74 11.28
CA PHE B 21 18.00 17.15 11.63
C PHE B 21 17.65 18.17 10.54
N GLY B 22 16.80 19.15 10.83
CA GLY B 22 16.48 20.24 9.93
C GLY B 22 17.51 21.38 9.93
N THR B 23 18.07 21.68 8.75
CA THR B 23 19.17 22.66 8.57
C THR B 23 18.71 24.05 8.13
N TYR B 24 17.44 24.25 7.73
CA TYR B 24 17.01 25.56 7.16
C TYR B 24 16.97 26.56 8.25
N ALA B 25 17.56 27.73 7.96
CA ALA B 25 17.46 28.89 8.83
C ALA B 25 17.29 30.06 7.92
N PRO B 26 16.45 31.07 8.33
CA PRO B 26 16.20 32.25 7.51
C PRO B 26 17.48 33.09 7.20
N PRO B 27 17.43 33.99 6.19
CA PRO B 27 18.66 34.66 5.72
C PRO B 27 19.32 35.69 6.67
N GLU B 28 18.66 36.03 7.79
CA GLU B 28 19.22 36.91 8.82
CA GLU B 28 19.24 36.93 8.80
C GLU B 28 20.20 36.16 9.69
N VAL B 29 20.14 34.82 9.67
CA VAL B 29 21.07 34.00 10.43
C VAL B 29 22.33 33.90 9.59
N PRO B 30 23.51 34.20 10.19
CA PRO B 30 24.77 34.05 9.44
C PRO B 30 24.97 32.63 8.96
N ARG B 31 25.57 32.48 7.78
CA ARG B 31 25.83 31.17 7.19
C ARG B 31 26.67 30.22 8.04
N SER B 32 27.54 30.80 8.86
CA SER B 32 28.44 30.06 9.73
C SER B 32 27.70 29.22 10.80
N LYS B 33 26.52 29.70 11.20
CA LYS B 33 25.74 28.98 12.19
C LYS B 33 25.42 27.56 11.75
N ALA B 34 25.10 27.37 10.47
CA ALA B 34 24.69 26.05 9.96
C ALA B 34 25.78 25.01 10.11
N LEU B 35 27.03 25.47 9.97
CA LEU B 35 28.21 24.63 10.26
C LEU B 35 28.26 24.18 11.72
N GLU B 36 28.29 25.14 12.63
CA GLU B 36 28.30 24.91 14.07
C GLU B 36 27.17 23.94 14.56
N VAL B 37 25.94 24.24 14.23
CA VAL B 37 24.80 23.46 14.73
C VAL B 37 24.70 22.09 14.12
N THR B 38 25.18 21.93 12.87
CA THR B 38 25.20 20.61 12.25
C THR B 38 26.22 19.71 12.92
N LYS B 39 27.40 20.22 13.20
CA LYS B 39 28.32 19.52 14.12
C LYS B 39 27.66 19.22 15.49
N LEU B 40 27.01 20.22 16.10
CA LEU B 40 26.31 20.02 17.38
C LEU B 40 25.23 18.96 17.31
N ALA B 41 24.52 18.91 16.19
CA ALA B 41 23.48 17.89 15.95
C ALA B 41 24.09 16.53 15.83
N ILE B 42 25.18 16.43 15.08
CA ILE B 42 25.86 15.15 14.94
C ILE B 42 26.44 14.67 16.29
N GLU B 43 26.93 15.59 17.08
CA GLU B 43 27.48 15.26 18.36
C GLU B 43 26.41 14.73 19.29
N ALA B 44 25.26 15.40 19.30
CA ALA B 44 24.14 14.98 20.10
C ALA B 44 23.60 13.65 19.66
N GLY B 45 23.81 13.26 18.42
CA GLY B 45 23.33 11.96 17.94
C GLY B 45 22.47 11.96 16.70
N PHE B 46 22.26 13.10 16.06
CA PHE B 46 21.60 13.08 14.75
C PHE B 46 22.49 12.49 13.68
N ARG B 47 21.93 11.58 12.88
CA ARG B 47 22.64 10.95 11.77
C ARG B 47 22.01 11.22 10.43
N HIS B 48 20.72 11.56 10.44
CA HIS B 48 19.97 11.95 9.21
C HIS B 48 19.95 13.47 9.25
N ILE B 49 20.39 14.06 8.14
CA ILE B 49 20.56 15.51 8.05
C ILE B 49 19.90 15.99 6.77
N ASP B 50 18.98 16.95 6.90
CA ASP B 50 18.17 17.40 5.78
C ASP B 50 18.52 18.81 5.29
N SER B 51 18.98 18.88 4.05
CA SER B 51 19.23 20.17 3.40
C SER B 51 18.51 20.26 2.02
N ALA B 52 18.87 21.29 1.28
CA ALA B 52 18.41 21.55 -0.04
C ALA B 52 19.25 22.66 -0.63
N HIS B 53 19.24 22.74 -1.96
CA HIS B 53 19.87 23.86 -2.71
C HIS B 53 19.16 25.19 -2.30
N LEU B 54 17.85 25.16 -2.16
CA LEU B 54 17.11 26.32 -1.69
C LEU B 54 17.68 26.93 -0.40
N TYR B 55 18.24 26.11 0.51
CA TYR B 55 18.60 26.58 1.86
C TYR B 55 19.88 27.45 1.90
N ASN B 56 20.67 27.39 0.83
CA ASN B 56 21.88 28.14 0.71
C ASN B 56 22.79 27.86 1.90
N ASN B 57 22.96 26.57 2.21
CA ASN B 57 23.77 26.15 3.33
C ASN B 57 24.53 24.84 3.12
N GLU B 58 24.51 24.30 1.91
CA GLU B 58 25.07 22.99 1.63
C GLU B 58 26.60 22.94 1.84
N GLU B 59 27.31 24.00 1.51
CA GLU B 59 28.74 24.12 1.87
C GLU B 59 28.98 23.98 3.39
N GLN B 60 28.22 24.72 4.20
CA GLN B 60 28.40 24.70 5.67
C GLN B 60 27.91 23.39 6.27
N VAL B 61 26.81 22.87 5.74
CA VAL B 61 26.34 21.57 6.23
C VAL B 61 27.34 20.47 5.85
N GLY B 62 27.81 20.51 4.59
CA GLY B 62 28.74 19.51 4.09
C GLY B 62 30.08 19.56 4.84
N LEU B 63 30.40 20.74 5.34
CA LEU B 63 31.61 21.01 6.09
C LEU B 63 31.49 20.37 7.48
N ALA B 64 30.31 20.51 8.09
CA ALA B 64 30.04 19.86 9.38
C ALA B 64 30.13 18.34 9.27
N ILE B 65 29.54 17.78 8.24
CA ILE B 65 29.65 16.34 8.01
C ILE B 65 31.11 15.89 7.91
N ARG B 66 31.82 16.59 7.04
CA ARG B 66 33.25 16.47 6.87
C ARG B 66 34.07 16.60 8.16
N SER B 67 33.71 17.58 8.98
CA SER B 67 34.36 17.77 10.27
C SER B 67 34.15 16.57 11.21
N LYS B 68 32.94 16.04 11.27
CA LYS B 68 32.67 14.92 12.18
C LYS B 68 33.24 13.60 11.69
N ILE B 69 33.48 13.50 10.39
CA ILE B 69 34.27 12.40 9.85
C ILE B 69 35.78 12.57 10.14
N ALA B 70 36.32 13.77 9.91
CA ALA B 70 37.73 14.04 10.12
C ALA B 70 38.18 13.79 11.58
N ASP B 71 37.38 14.25 12.52
CA ASP B 71 37.73 14.08 13.92
C ASP B 71 37.51 12.62 14.46
N GLY B 72 36.93 11.75 13.62
CA GLY B 72 36.73 10.34 13.95
C GLY B 72 35.42 9.99 14.67
N SER B 73 34.51 10.95 14.81
CA SER B 73 33.26 10.70 15.47
C SER B 73 32.39 9.73 14.68
N VAL B 74 32.41 9.85 13.35
CA VAL B 74 31.55 9.07 12.44
C VAL B 74 32.26 8.76 11.14
N LYS B 75 31.69 7.84 10.39
CA LYS B 75 32.07 7.56 9.03
C LYS B 75 31.01 8.08 8.06
N ARG B 76 31.40 8.34 6.82
CA ARG B 76 30.43 8.74 5.81
C ARG B 76 29.22 7.84 5.77
N GLU B 77 29.42 6.52 5.84
CA GLU B 77 28.30 5.54 5.77
CA GLU B 77 28.31 5.55 5.76
C GLU B 77 27.35 5.60 6.98
N ASP B 78 27.81 6.15 8.10
CA ASP B 78 26.93 6.49 9.24
C ASP B 78 25.98 7.71 9.09
N ILE B 79 26.14 8.48 8.03
CA ILE B 79 25.39 9.69 7.83
C ILE B 79 24.45 9.50 6.65
N PHE B 80 23.21 9.96 6.83
CA PHE B 80 22.21 9.94 5.79
C PHE B 80 21.97 11.40 5.43
N TYR B 81 22.52 11.84 4.31
CA TYR B 81 22.39 13.23 3.90
C TYR B 81 21.40 13.43 2.77
N THR B 82 20.46 14.34 2.98
CA THR B 82 19.44 14.67 1.99
C THR B 82 19.66 16.04 1.42
N SER B 83 19.56 16.12 0.08
CA SER B 83 19.42 17.39 -0.63
C SER B 83 18.23 17.30 -1.53
N LYS B 84 17.89 18.43 -2.14
CA LYS B 84 16.66 18.58 -2.91
C LYS B 84 16.90 19.47 -4.15
N LEU B 85 16.31 19.03 -5.26
CA LEU B 85 16.36 19.72 -6.53
C LEU B 85 15.35 20.82 -6.48
N TRP B 86 15.82 22.06 -6.61
CA TRP B 86 14.91 23.20 -6.59
C TRP B 86 14.10 23.33 -7.91
N SER B 87 12.95 23.98 -7.84
CA SER B 87 11.95 24.08 -8.90
C SER B 87 12.37 24.79 -10.19
N THR B 88 13.52 25.44 -10.20
CA THR B 88 14.07 26.01 -11.40
C THR B 88 14.85 24.99 -12.18
N PHE B 89 15.02 23.79 -11.63
CA PHE B 89 15.82 22.75 -12.27
C PHE B 89 15.03 21.47 -12.53
N HIS B 90 13.72 21.57 -12.72
CA HIS B 90 12.89 20.42 -13.09
C HIS B 90 13.15 19.88 -14.49
N ARG B 91 13.55 20.74 -15.42
CA ARG B 91 13.73 20.26 -16.81
C ARG B 91 14.83 19.18 -16.84
N PRO B 92 14.57 18.03 -17.50
CA PRO B 92 15.45 16.89 -17.32
C PRO B 92 16.95 17.15 -17.43
N GLU B 93 17.35 17.96 -18.41
CA GLU B 93 18.77 18.21 -18.65
C GLU B 93 19.43 19.03 -17.52
N LEU B 94 18.63 19.80 -16.78
CA LEU B 94 19.11 20.56 -15.61
C LEU B 94 19.34 19.74 -14.33
N VAL B 95 18.81 18.51 -14.27
CA VAL B 95 18.65 17.76 -13.00
C VAL B 95 19.99 17.22 -12.51
N ARG B 96 20.69 16.51 -13.37
CA ARG B 96 22.00 15.98 -13.00
C ARG B 96 23.01 17.11 -12.68
N PRO B 97 23.08 18.17 -13.53
CA PRO B 97 24.02 19.23 -13.14
C PRO B 97 23.69 19.87 -11.79
N ALA B 98 22.40 20.07 -11.51
CA ALA B 98 22.01 20.60 -10.20
C ALA B 98 22.53 19.75 -9.06
N LEU B 99 22.38 18.43 -9.20
CA LEU B 99 22.81 17.51 -8.18
C LEU B 99 24.33 17.60 -7.99
N GLU B 100 25.06 17.55 -9.09
CA GLU B 100 26.55 17.62 -9.09
C GLU B 100 27.06 18.89 -8.47
N ASN B 101 26.33 19.96 -8.71
CA ASN B 101 26.59 21.20 -8.05
C ASN B 101 26.34 21.17 -6.53
N SER B 102 25.25 20.55 -6.12
CA SER B 102 24.99 20.27 -4.69
C SER B 102 26.15 19.47 -4.03
N LEU B 103 26.59 18.42 -4.72
CA LEU B 103 27.72 17.57 -4.29
C LEU B 103 29.05 18.32 -4.12
N LYS B 104 29.38 19.12 -5.12
CA LYS B 104 30.54 19.98 -5.12
C LYS B 104 30.53 20.99 -3.96
N LYS B 105 29.40 21.67 -3.81
CA LYS B 105 29.18 22.53 -2.66
C LYS B 105 29.32 21.82 -1.28
N ALA B 106 28.67 20.66 -1.11
CA ALA B 106 28.77 19.92 0.16
C ALA B 106 30.06 19.16 0.29
N GLN B 107 30.74 19.00 -0.85
CA GLN B 107 31.97 18.22 -0.97
C GLN B 107 31.68 16.80 -0.57
N LEU B 108 30.71 16.19 -1.24
CA LEU B 108 30.43 14.79 -1.01
C LEU B 108 30.46 14.10 -2.34
N ASP B 109 30.64 12.77 -2.32
CA ASP B 109 30.60 11.96 -3.53
C ASP B 109 29.16 11.63 -3.90
N TYR B 110 28.32 11.37 -2.91
CA TYR B 110 26.91 11.02 -3.14
C TYR B 110 26.03 11.67 -2.10
N VAL B 111 24.76 11.92 -2.45
CA VAL B 111 23.76 12.23 -1.43
C VAL B 111 23.11 10.90 -1.12
N ASP B 112 22.69 10.74 0.12
CA ASP B 112 21.92 9.53 0.48
C ASP B 112 20.53 9.55 -0.10
N LEU B 113 19.99 10.77 -0.15
CA LEU B 113 18.67 10.97 -0.66
C LEU B 113 18.65 12.22 -1.45
N TYR B 114 18.02 12.18 -2.61
CA TYR B 114 17.75 13.41 -3.34
C TYR B 114 16.29 13.51 -3.68
N LEU B 115 15.67 14.66 -3.42
CA LEU B 115 14.24 14.88 -3.63
C LEU B 115 13.96 15.94 -4.64
N ILE B 116 12.82 15.81 -5.32
CA ILE B 116 12.19 16.94 -6.00
C ILE B 116 11.58 17.74 -4.86
N HIS B 117 12.01 18.97 -4.71
CA HIS B 117 11.62 19.78 -3.58
C HIS B 117 10.11 20.15 -3.54
N SER B 118 9.56 20.47 -4.71
CA SER B 118 8.19 20.97 -4.84
C SER B 118 7.73 20.60 -6.26
N PRO B 119 6.46 20.20 -6.47
CA PRO B 119 6.02 19.89 -7.82
C PRO B 119 5.74 21.14 -8.65
N MET B 120 5.91 22.32 -8.06
CA MET B 120 5.61 23.59 -8.69
C MET B 120 6.82 24.14 -9.46
N SER B 121 6.90 23.82 -10.75
CA SER B 121 8.05 24.18 -11.59
C SER B 121 8.13 25.67 -11.83
N LEU B 122 9.34 26.24 -11.75
CA LEU B 122 9.57 27.68 -12.03
C LEU B 122 10.49 27.88 -13.22
N LYS B 123 10.47 29.09 -13.76
CA LYS B 123 11.26 29.50 -14.92
C LYS B 123 12.74 29.20 -14.71
N PRO B 124 13.39 28.53 -15.67
CA PRO B 124 14.80 28.18 -15.49
C PRO B 124 15.67 29.42 -15.44
N GLY B 125 16.79 29.33 -14.74
CA GLY B 125 17.65 30.48 -14.52
C GLY B 125 18.33 30.41 -13.17
N GLU B 126 19.09 31.47 -12.88
CA GLU B 126 19.91 31.52 -11.69
C GLU B 126 19.24 32.23 -10.50
N GLU B 127 18.04 32.78 -10.68
CA GLU B 127 17.24 33.25 -9.53
C GLU B 127 16.48 32.02 -8.95
N LEU B 128 16.42 31.93 -7.62
CA LEU B 128 15.60 30.92 -6.95
C LEU B 128 14.14 31.30 -7.08
N SER B 129 13.87 32.60 -7.09
CA SER B 129 12.53 33.13 -7.28
C SER B 129 12.45 34.08 -8.48
N PRO B 130 12.35 33.53 -9.73
CA PRO B 130 12.25 34.40 -10.89
C PRO B 130 10.93 35.19 -10.92
N THR B 131 11.00 36.53 -10.97
CA THR B 131 9.81 37.40 -10.99
C THR B 131 9.76 38.28 -12.25
N ASP B 132 8.57 38.45 -12.84
CA ASP B 132 8.38 39.29 -14.06
C ASP B 132 8.51 40.79 -13.77
N GLU B 133 8.29 41.62 -14.81
CA GLU B 133 8.13 43.11 -14.73
C GLU B 133 7.61 43.65 -13.37
N ASN B 134 6.40 43.23 -12.98
CA ASN B 134 5.68 43.76 -11.82
C ASN B 134 5.79 42.91 -10.54
N GLY B 135 6.87 42.13 -10.42
CA GLY B 135 7.12 41.27 -9.25
C GLY B 135 6.21 40.05 -9.09
N LYS B 136 5.69 39.52 -10.19
CA LYS B 136 4.88 38.29 -10.14
C LYS B 136 5.79 37.09 -10.40
N VAL B 137 5.61 36.01 -9.65
CA VAL B 137 6.48 34.84 -9.79
C VAL B 137 6.19 34.14 -11.11
N ILE B 138 7.25 33.73 -11.83
CA ILE B 138 7.11 33.15 -13.17
C ILE B 138 7.18 31.63 -13.12
N PHE B 139 6.05 30.97 -13.38
CA PHE B 139 6.01 29.51 -13.42
C PHE B 139 6.56 29.01 -14.72
N ASP B 140 6.80 27.70 -14.72
CA ASP B 140 7.19 26.94 -15.89
C ASP B 140 6.28 25.74 -15.86
N ILE B 141 6.20 25.05 -17.00
CA ILE B 141 5.37 23.88 -17.20
C ILE B 141 6.31 22.76 -17.62
N VAL B 142 6.41 21.75 -16.76
CA VAL B 142 7.30 20.63 -16.99
C VAL B 142 6.60 19.32 -16.64
N ASP B 143 6.73 18.34 -17.53
CA ASP B 143 6.23 17.03 -17.27
C ASP B 143 7.18 16.39 -16.24
N LEU B 144 6.67 16.23 -15.00
CA LEU B 144 7.50 15.72 -13.89
C LEU B 144 7.91 14.25 -14.04
N CYS B 145 7.21 13.48 -14.87
CA CYS B 145 7.70 12.16 -15.28
C CYS B 145 9.07 12.23 -15.97
N THR B 146 9.37 13.31 -16.69
CA THR B 146 10.71 13.46 -17.30
C THR B 146 11.73 13.90 -16.25
N THR B 147 11.32 14.83 -15.39
CA THR B 147 12.13 15.15 -14.22
C THR B 147 12.51 13.89 -13.45
N TRP B 148 11.53 13.04 -13.23
CA TRP B 148 11.73 11.83 -12.46
C TRP B 148 12.72 10.92 -13.14
N GLU B 149 12.60 10.77 -14.46
CA GLU B 149 13.50 9.88 -15.22
C GLU B 149 14.97 10.26 -15.11
N ALA B 150 15.22 11.56 -15.18
CA ALA B 150 16.52 12.13 -14.84
C ALA B 150 16.93 11.86 -13.39
N MET B 151 15.98 11.89 -12.45
CA MET B 151 16.31 11.51 -11.07
C MET B 151 16.75 10.04 -11.04
N GLU B 152 16.10 9.18 -11.82
CA GLU B 152 16.45 7.76 -11.88
C GLU B 152 17.88 7.56 -12.42
N LYS B 153 18.22 8.22 -13.51
CA LYS B 153 19.58 8.21 -14.03
C LYS B 153 20.59 8.51 -12.92
N CYS B 154 20.31 9.55 -12.11
CA CYS B 154 21.21 9.98 -11.02
C CYS B 154 21.46 8.86 -9.99
N LYS B 155 20.45 8.03 -9.74
CA LYS B 155 20.61 6.86 -8.89
C LYS B 155 21.49 5.79 -9.54
N ASP B 156 21.23 5.50 -10.82
CA ASP B 156 22.05 4.58 -11.57
C ASP B 156 23.52 5.04 -11.68
N ALA B 157 23.76 6.34 -11.76
CA ALA B 157 25.12 6.91 -11.72
C ALA B 157 25.75 6.85 -10.33
N GLY B 158 25.00 6.43 -9.31
CA GLY B 158 25.52 6.40 -7.95
C GLY B 158 25.79 7.75 -7.27
N LEU B 159 25.29 8.83 -7.88
CA LEU B 159 25.33 10.17 -7.29
C LEU B 159 24.28 10.36 -6.17
N ALA B 160 23.16 9.61 -6.24
CA ALA B 160 22.14 9.61 -5.18
C ALA B 160 21.79 8.18 -4.81
N LYS B 161 21.87 7.82 -3.53
CA LYS B 161 21.60 6.46 -3.13
C LYS B 161 20.16 6.11 -3.33
N SER B 162 19.30 7.02 -2.90
CA SER B 162 17.85 6.92 -3.05
C SER B 162 17.32 8.24 -3.57
N ILE B 163 16.14 8.16 -4.20
CA ILE B 163 15.48 9.33 -4.76
C ILE B 163 14.07 9.37 -4.28
N GLY B 164 13.53 10.59 -4.12
CA GLY B 164 12.14 10.75 -3.69
C GLY B 164 11.60 12.11 -4.07
N VAL B 165 10.48 12.46 -3.45
CA VAL B 165 9.77 13.71 -3.70
C VAL B 165 9.38 14.42 -2.39
N SER B 166 8.82 15.62 -2.53
CA SER B 166 8.43 16.44 -1.40
C SER B 166 7.30 17.39 -1.82
N ASN B 167 6.36 17.60 -0.91
CA ASN B 167 5.14 18.39 -1.21
C ASN B 167 4.25 17.86 -2.36
N PHE B 168 4.31 16.58 -2.66
CA PHE B 168 3.39 15.93 -3.62
C PHE B 168 2.14 15.48 -2.88
N ASN B 169 1.01 15.64 -3.53
CA ASN B 169 -0.26 15.07 -3.11
C ASN B 169 -0.41 13.70 -3.78
N ARG B 170 -1.47 13.00 -3.38
CA ARG B 170 -1.78 11.67 -3.89
C ARG B 170 -1.84 11.62 -5.43
N ARG B 171 -2.44 12.61 -6.05
CA ARG B 171 -2.56 12.62 -7.52
C ARG B 171 -1.16 12.73 -8.17
N GLN B 172 -0.39 13.68 -7.68
CA GLN B 172 0.96 13.88 -8.14
C GLN B 172 1.89 12.70 -7.92
N LEU B 173 1.71 11.99 -6.80
CA LEU B 173 2.44 10.73 -6.57
C LEU B 173 2.02 9.69 -7.58
N GLU B 174 0.72 9.52 -7.78
CA GLU B 174 0.19 8.53 -8.75
C GLU B 174 0.74 8.71 -10.16
N MET B 175 0.83 9.97 -10.59
CA MET B 175 1.48 10.32 -11.87
C MET B 175 2.85 9.68 -12.10
N ILE B 176 3.69 9.74 -11.06
CA ILE B 176 5.02 9.08 -11.07
C ILE B 176 4.81 7.58 -11.02
N LEU B 177 3.96 7.14 -10.09
CA LEU B 177 3.77 5.73 -9.81
C LEU B 177 3.20 4.94 -10.98
N ASN B 178 2.33 5.56 -11.78
CA ASN B 178 1.76 4.93 -12.96
C ASN B 178 2.53 5.24 -14.23
N LYS B 179 3.70 5.86 -14.12
CA LYS B 179 4.51 6.19 -15.28
C LYS B 179 4.87 4.92 -16.06
N PRO B 180 4.77 4.97 -17.40
CA PRO B 180 5.20 3.79 -18.17
C PRO B 180 6.71 3.65 -18.11
N GLY B 181 7.17 2.44 -17.79
CA GLY B 181 8.62 2.23 -17.66
C GLY B 181 9.25 2.81 -16.40
N LEU B 182 8.44 3.01 -15.37
CA LEU B 182 8.96 3.31 -14.06
C LEU B 182 10.08 2.34 -13.66
N LYS B 183 11.25 2.88 -13.32
CA LYS B 183 12.32 2.05 -12.78
C LYS B 183 12.36 2.13 -11.26
N TYR B 184 12.26 3.35 -10.73
CA TYR B 184 12.31 3.54 -9.28
C TYR B 184 11.14 4.36 -8.75
N LYS B 185 10.38 3.74 -7.86
CA LYS B 185 9.41 4.48 -7.05
C LYS B 185 10.16 5.53 -6.21
N PRO B 186 9.48 6.65 -5.88
CA PRO B 186 10.00 7.51 -4.81
C PRO B 186 10.04 6.74 -3.51
N VAL B 187 11.16 6.82 -2.80
CA VAL B 187 11.29 6.20 -1.49
C VAL B 187 10.44 6.91 -0.44
N CYS B 188 10.12 8.20 -0.67
CA CYS B 188 9.46 9.02 0.33
C CYS B 188 8.73 10.19 -0.25
N ASN B 189 7.93 10.81 0.59
CA ASN B 189 7.30 12.07 0.26
C ASN B 189 7.44 12.95 1.47
N GLN B 190 8.30 13.95 1.37
CA GLN B 190 8.53 14.82 2.51
C GLN B 190 7.50 15.99 2.48
N VAL B 191 6.66 16.04 3.50
CA VAL B 191 5.50 16.91 3.51
C VAL B 191 5.30 17.53 4.90
N GLU B 192 4.55 18.64 4.97
CA GLU B 192 4.17 19.25 6.26
C GLU B 192 3.31 18.25 7.01
N CYS B 193 3.69 17.95 8.23
CA CYS B 193 2.98 16.97 9.02
C CYS B 193 3.25 17.16 10.50
N HIS B 194 2.19 17.35 11.25
CA HIS B 194 2.26 17.64 12.69
C HIS B 194 0.86 17.39 13.25
N PRO B 195 0.69 17.48 14.59
CA PRO B 195 -0.62 17.06 15.08
C PRO B 195 -1.81 17.91 14.63
N TYR B 196 -1.60 19.18 14.25
CA TYR B 196 -2.69 20.00 13.69
C TYR B 196 -2.95 19.73 12.20
N PHE B 197 -2.08 18.98 11.55
CA PHE B 197 -2.25 18.61 10.13
C PHE B 197 -1.57 17.26 9.99
N ASN B 198 -2.22 16.18 10.43
CA ASN B 198 -1.53 14.91 10.58
C ASN B 198 -1.40 14.07 9.33
N ARG B 199 -2.10 14.44 8.27
CA ARG B 199 -1.95 13.79 6.96
C ARG B 199 -2.33 12.31 6.96
N SER B 200 -3.21 11.89 7.86
CA SER B 200 -3.54 10.46 7.99
C SER B 200 -3.96 9.82 6.65
N LYS B 201 -4.77 10.53 5.87
CA LYS B 201 -5.13 9.99 4.54
C LYS B 201 -3.91 9.85 3.62
N LEU B 202 -3.05 10.86 3.52
CA LEU B 202 -1.82 10.70 2.70
C LEU B 202 -0.86 9.62 3.24
N LEU B 203 -0.71 9.57 4.56
CA LEU B 203 0.08 8.57 5.19
C LEU B 203 -0.44 7.17 4.90
N ASP B 204 -1.75 6.92 5.00
CA ASP B 204 -2.26 5.56 4.60
C ASP B 204 -1.94 5.27 3.13
N PHE B 205 -2.19 6.23 2.25
CA PHE B 205 -1.83 6.11 0.86
C PHE B 205 -0.37 5.71 0.65
N CYS B 206 0.52 6.48 1.28
CA CYS B 206 1.93 6.25 1.21
C CYS B 206 2.34 4.87 1.69
N LYS B 207 1.78 4.43 2.81
CA LYS B 207 2.04 3.08 3.30
C LYS B 207 1.61 2.03 2.31
N SER B 208 0.45 2.19 1.71
CA SER B 208 -0.02 1.23 0.69
C SER B 208 0.87 1.10 -0.55
N LYS B 209 1.69 2.13 -0.78
CA LYS B 209 2.59 2.18 -1.91
C LYS B 209 4.05 1.98 -1.55
N ASP B 210 4.34 1.54 -0.33
CA ASP B 210 5.71 1.37 0.15
C ASP B 210 6.53 2.69 0.00
N ILE B 211 5.86 3.79 0.37
CA ILE B 211 6.47 5.12 0.39
C ILE B 211 6.43 5.64 1.82
N VAL B 212 7.59 6.13 2.27
CA VAL B 212 7.72 6.66 3.63
C VAL B 212 7.22 8.09 3.59
N LEU B 213 6.39 8.45 4.56
CA LEU B 213 6.08 9.86 4.78
C LEU B 213 7.13 10.53 5.71
N VAL B 214 7.76 11.59 5.21
CA VAL B 214 8.73 12.32 6.03
C VAL B 214 8.14 13.63 6.44
N ALA B 215 8.08 13.89 7.76
CA ALA B 215 7.42 15.06 8.28
C ALA B 215 8.37 16.26 8.41
N TYR B 216 7.95 17.40 7.87
CA TYR B 216 8.58 18.67 8.21
C TYR B 216 7.59 19.55 8.95
N SER B 217 8.08 20.65 9.51
CA SER B 217 7.33 21.46 10.45
C SER B 217 6.60 20.60 11.48
N ALA B 218 7.24 19.52 11.89
CA ALA B 218 6.69 18.68 12.93
C ALA B 218 6.59 19.40 14.29
N LEU B 219 7.38 20.46 14.49
CA LEU B 219 7.30 21.25 15.72
C LEU B 219 6.45 22.51 15.56
N GLY B 220 5.76 22.61 14.46
CA GLY B 220 4.84 23.74 14.24
C GLY B 220 5.40 24.84 13.36
N SER B 221 6.54 24.57 12.72
CA SER B 221 7.24 25.49 11.80
C SER B 221 8.08 26.55 12.53
N GLN B 222 8.92 27.23 11.79
CA GLN B 222 9.69 28.35 12.32
C GLN B 222 8.84 29.61 12.39
N ARG B 223 7.62 29.57 11.86
CA ARG B 223 6.67 30.68 11.94
C ARG B 223 7.27 31.98 11.33
N ASP B 224 8.00 31.83 10.24
CA ASP B 224 8.58 32.95 9.50
C ASP B 224 7.45 33.89 9.01
N LYS B 225 7.69 35.19 9.21
CA LYS B 225 6.72 36.24 8.86
C LYS B 225 6.28 36.24 7.42
N ARG B 226 7.16 35.85 6.52
CA ARG B 226 6.91 36.03 5.11
C ARG B 226 5.95 35.00 4.57
N TRP B 227 5.69 33.91 5.30
CA TRP B 227 4.74 32.90 4.82
C TRP B 227 3.97 32.06 5.86
N VAL B 228 3.93 32.57 7.11
CA VAL B 228 3.15 31.96 8.18
C VAL B 228 2.37 33.05 8.89
N ASP B 229 1.08 32.79 9.10
CA ASP B 229 0.18 33.72 9.76
C ASP B 229 0.59 33.78 11.24
N PRO B 230 0.99 34.97 11.74
CA PRO B 230 1.26 35.17 13.17
C PRO B 230 0.11 34.87 14.15
N ASN B 231 -1.14 34.85 13.68
CA ASN B 231 -2.31 34.49 14.50
C ASN B 231 -2.62 33.01 14.42
N SER B 232 -1.79 32.22 13.71
CA SER B 232 -2.03 30.80 13.70
C SER B 232 -1.73 30.29 15.12
N PRO B 233 -2.46 29.26 15.58
CA PRO B 233 -2.15 28.74 16.91
C PRO B 233 -0.74 28.19 16.95
N VAL B 234 -0.06 28.42 18.07
CA VAL B 234 1.28 27.90 18.28
C VAL B 234 1.22 26.46 18.73
N LEU B 235 1.81 25.57 17.93
CA LEU B 235 1.67 24.14 18.13
C LEU B 235 2.15 23.66 19.50
N LEU B 236 3.30 24.18 19.89
CA LEU B 236 3.93 23.77 21.14
C LEU B 236 3.28 24.38 22.40
N GLU B 237 2.26 25.23 22.23
CA GLU B 237 1.43 25.69 23.37
C GLU B 237 0.12 24.95 23.49
N ASP B 238 -0.06 23.88 22.73
CA ASP B 238 -1.29 23.12 22.77
C ASP B 238 -1.50 22.46 24.13
N PRO B 239 -2.70 22.60 24.72
CA PRO B 239 -3.04 22.03 26.03
C PRO B 239 -2.79 20.51 26.15
N VAL B 240 -3.25 19.79 25.14
CA VAL B 240 -3.13 18.33 25.13
C VAL B 240 -1.66 17.93 25.01
N LEU B 241 -0.90 18.61 24.13
CA LEU B 241 0.56 18.40 24.03
C LEU B 241 1.28 18.72 25.31
N CYS B 242 0.93 19.85 25.90
CA CYS B 242 1.47 20.24 27.21
C CYS B 242 1.12 19.27 28.32
N ALA B 243 -0.12 18.78 28.37
CA ALA B 243 -0.52 17.82 29.41
C ALA B 243 0.25 16.54 29.26
N LEU B 244 0.43 16.06 28.01
CA LEU B 244 1.16 14.79 27.79
C LEU B 244 2.61 14.95 28.12
N ALA B 245 3.15 16.13 27.88
CA ALA B 245 4.52 16.46 28.29
C ALA B 245 4.70 16.30 29.81
N LYS B 246 3.80 16.89 30.62
CA LYS B 246 3.83 16.76 32.11
C LYS B 246 3.67 15.29 32.48
N LYS B 247 2.68 14.64 31.90
CA LYS B 247 2.47 13.22 32.15
C LYS B 247 3.74 12.41 32.02
N HIS B 248 4.50 12.63 30.94
CA HIS B 248 5.67 11.82 30.64
C HIS B 248 6.98 12.42 31.14
N LYS B 249 6.94 13.61 31.74
CA LYS B 249 8.14 14.35 32.18
C LYS B 249 9.06 14.61 30.97
N ARG B 250 8.48 15.19 29.93
CA ARG B 250 9.18 15.55 28.71
C ARG B 250 8.68 16.92 28.34
N THR B 251 8.86 17.34 27.10
CA THR B 251 8.40 18.64 26.64
C THR B 251 7.39 18.43 25.55
N PRO B 252 6.60 19.46 25.23
CA PRO B 252 5.64 19.38 24.12
C PRO B 252 6.28 19.03 22.77
N ALA B 253 7.50 19.51 22.51
CA ALA B 253 8.30 19.17 21.33
C ALA B 253 8.64 17.72 21.25
N LEU B 254 9.03 17.12 22.36
CA LEU B 254 9.33 15.66 22.37
C LEU B 254 8.06 14.83 22.12
N ILE B 255 6.93 15.30 22.67
CA ILE B 255 5.63 14.64 22.40
C ILE B 255 5.36 14.69 20.90
N ALA B 256 5.53 15.87 20.29
CA ALA B 256 5.24 16.00 18.84
C ALA B 256 6.10 15.04 17.98
N LEU B 257 7.37 14.86 18.38
CA LEU B 257 8.30 14.04 17.63
C LEU B 257 7.91 12.58 17.75
N ARG B 258 7.70 12.17 18.99
CA ARG B 258 7.46 10.79 19.29
C ARG B 258 6.20 10.32 18.60
N TYR B 259 5.19 11.18 18.58
CA TYR B 259 3.95 10.91 17.89
C TYR B 259 4.16 10.39 16.48
N GLN B 260 5.03 11.06 15.74
CA GLN B 260 5.34 10.65 14.38
C GLN B 260 6.05 9.32 14.30
N LEU B 261 7.01 9.06 15.19
CA LEU B 261 7.77 7.82 15.13
C LEU B 261 6.89 6.59 15.35
N GLN B 262 5.94 6.71 16.28
CA GLN B 262 5.06 5.60 16.66
C GLN B 262 3.94 5.40 15.61
N ARG B 263 3.76 6.33 14.68
CA ARG B 263 2.80 6.10 13.58
C ARG B 263 3.51 5.84 12.25
N GLY B 264 4.80 5.53 12.33
CA GLY B 264 5.58 5.11 11.14
C GLY B 264 6.02 6.26 10.23
N VAL B 265 5.97 7.48 10.76
CA VAL B 265 6.42 8.68 10.08
C VAL B 265 7.87 8.99 10.50
N VAL B 266 8.73 9.24 9.51
CA VAL B 266 10.12 9.69 9.76
C VAL B 266 9.94 11.17 10.00
N VAL B 267 10.58 11.70 11.04
CA VAL B 267 10.34 13.04 11.46
C VAL B 267 11.59 13.92 11.43
N LEU B 268 11.40 15.15 11.01
CA LEU B 268 12.46 16.16 11.04
C LEU B 268 12.25 17.14 12.21
N ALA B 269 13.37 17.62 12.73
CA ALA B 269 13.36 18.62 13.76
C ALA B 269 14.50 19.62 13.49
N LYS B 270 14.16 20.87 13.24
CA LYS B 270 15.16 21.88 13.14
C LYS B 270 15.30 22.56 14.44
N SER B 271 16.54 22.71 14.89
CA SER B 271 16.90 23.64 15.94
C SER B 271 18.32 24.18 15.72
N TYR B 272 18.48 25.48 15.92
CA TYR B 272 19.79 26.11 15.91
C TYR B 272 20.23 26.45 17.35
N ASN B 273 19.59 25.86 18.33
CA ASN B 273 19.86 26.13 19.72
C ASN B 273 20.41 24.87 20.29
N GLU B 274 21.63 24.94 20.82
CA GLU B 274 22.34 23.76 21.29
C GLU B 274 21.54 22.88 22.26
N GLN B 275 20.88 23.55 23.22
CA GLN B 275 20.09 22.85 24.23
C GLN B 275 18.91 22.07 23.64
N ARG B 276 18.22 22.68 22.69
CA ARG B 276 17.08 22.05 22.05
C ARG B 276 17.48 20.96 21.09
N ILE B 277 18.63 21.09 20.45
CA ILE B 277 19.19 20.01 19.62
C ILE B 277 19.40 18.71 20.45
N ARG B 278 20.14 18.85 21.55
CA ARG B 278 20.44 17.77 22.46
C ARG B 278 19.17 17.20 23.11
N GLN B 279 18.21 18.05 23.44
CA GLN B 279 16.94 17.60 23.97
C GLN B 279 16.21 16.69 22.94
N ASN B 280 16.16 17.11 21.67
CA ASN B 280 15.37 16.42 20.69
C ASN B 280 15.72 14.97 20.44
N VAL B 281 16.99 14.61 20.65
CA VAL B 281 17.37 13.20 20.53
C VAL B 281 16.82 12.34 21.69
N GLN B 282 16.29 12.95 22.75
CA GLN B 282 15.60 12.22 23.82
C GLN B 282 14.25 11.60 23.40
N VAL B 283 13.78 11.91 22.19
CA VAL B 283 12.60 11.26 21.61
C VAL B 283 12.68 9.75 21.76
N PHE B 284 13.90 9.20 21.69
CA PHE B 284 14.06 7.74 21.83
C PHE B 284 13.96 7.19 23.26
N GLU B 285 13.90 8.02 24.28
CA GLU B 285 13.99 7.56 25.66
C GLU B 285 12.63 7.30 26.29
N PHE B 286 11.53 7.40 25.54
CA PHE B 286 10.22 7.14 26.10
C PHE B 286 9.21 6.74 25.04
N GLN B 287 8.02 6.38 25.53
CA GLN B 287 6.92 5.91 24.72
C GLN B 287 5.58 6.55 25.03
N LEU B 288 4.79 6.77 23.99
CA LEU B 288 3.42 7.20 24.17
C LEU B 288 2.54 5.95 24.22
N THR B 289 1.50 5.99 25.05
CA THR B 289 0.54 4.86 25.10
C THR B 289 -0.36 4.97 23.87
N ALA B 290 -0.97 3.86 23.46
CA ALA B 290 -1.98 3.88 22.41
C ALA B 290 -3.02 5.02 22.62
N GLU B 291 -3.35 5.31 23.88
CA GLU B 291 -4.35 6.32 24.22
C GLU B 291 -3.81 7.71 24.09
N ASP B 292 -2.57 7.91 24.51
CA ASP B 292 -1.85 9.16 24.21
C ASP B 292 -1.85 9.43 22.70
N MET B 293 -1.66 8.40 21.90
CA MET B 293 -1.60 8.52 20.45
C MET B 293 -2.95 8.98 19.91
N LYS B 294 -4.03 8.38 20.41
CA LYS B 294 -5.34 8.82 20.01
C LYS B 294 -5.69 10.23 20.51
N ALA B 295 -5.23 10.59 21.70
CA ALA B 295 -5.36 11.99 22.14
C ALA B 295 -4.73 12.96 21.12
N ILE B 296 -3.51 12.66 20.67
CA ILE B 296 -2.82 13.51 19.69
C ILE B 296 -3.52 13.46 18.29
N ASP B 297 -4.00 12.28 17.85
CA ASP B 297 -4.79 12.19 16.60
C ASP B 297 -5.97 13.17 16.58
N GLY B 298 -6.61 13.29 17.75
CA GLY B 298 -7.78 14.17 17.94
C GLY B 298 -7.56 15.65 17.73
N LEU B 299 -6.30 16.08 17.68
CA LEU B 299 -5.92 17.44 17.47
C LEU B 299 -5.92 17.89 16.00
N ASP B 300 -5.99 16.95 15.06
CA ASP B 300 -5.99 17.31 13.63
C ASP B 300 -7.04 18.38 13.32
N ARG B 301 -6.62 19.45 12.67
CA ARG B 301 -7.57 20.48 12.24
C ARG B 301 -7.25 21.06 10.89
N ASN B 302 -6.63 20.26 10.04
CA ASN B 302 -6.33 20.71 8.68
C ASN B 302 -5.65 22.10 8.63
N LEU B 303 -4.63 22.29 9.44
CA LEU B 303 -3.97 23.59 9.50
C LEU B 303 -2.59 23.47 8.98
N HIS B 304 -2.33 24.10 7.83
CA HIS B 304 -0.97 24.23 7.34
C HIS B 304 -0.39 25.60 7.56
N TYR B 305 0.79 25.62 8.15
CA TYR B 305 1.51 26.86 8.47
C TYR B 305 2.05 27.62 7.27
N PHE B 306 2.44 26.88 6.26
CA PHE B 306 2.84 27.45 4.97
C PHE B 306 1.63 27.84 4.13
N ASN B 307 1.55 29.12 3.78
CA ASN B 307 0.51 29.69 2.87
C ASN B 307 1.08 30.72 1.93
N SER B 308 0.59 30.75 0.70
CA SER B 308 0.86 31.85 -0.22
C SER B 308 -0.25 32.02 -1.26
N ASP B 309 -0.69 33.26 -1.44
CA ASP B 309 -1.46 33.65 -2.64
C ASP B 309 -0.64 33.44 -3.93
N SER B 310 0.67 33.71 -3.89
CA SER B 310 1.58 33.51 -5.04
C SER B 310 1.48 32.08 -5.59
N PHE B 311 1.70 31.08 -4.72
CA PHE B 311 1.83 29.68 -5.15
C PHE B 311 0.50 28.88 -5.20
N ALA B 312 -0.53 29.33 -4.47
CA ALA B 312 -1.90 28.78 -4.59
C ALA B 312 -2.48 28.79 -6.03
N SER B 313 -2.07 29.76 -6.85
CA SER B 313 -2.47 29.86 -8.28
C SER B 313 -1.68 28.95 -9.26
N HIS B 314 -0.55 28.38 -8.81
CA HIS B 314 0.23 27.41 -9.60
C HIS B 314 -0.62 26.14 -9.88
N PRO B 315 -0.64 25.67 -11.16
CA PRO B 315 -1.51 24.50 -11.50
C PRO B 315 -1.24 23.25 -10.63
N ASN B 316 0.06 22.97 -10.43
CA ASN B 316 0.64 22.02 -9.44
C ASN B 316 0.61 22.38 -7.95
N TYR B 317 -0.24 23.33 -7.54
CA TYR B 317 -0.44 23.57 -6.13
C TYR B 317 -0.90 22.25 -5.40
N PRO B 318 -0.08 21.76 -4.45
CA PRO B 318 -0.43 20.46 -3.87
C PRO B 318 -1.72 20.44 -3.03
N TYR B 319 -2.20 21.59 -2.53
CA TYR B 319 -3.44 21.63 -1.71
C TYR B 319 -4.74 21.95 -2.48
N SER B 320 -5.02 21.16 -3.54
CA SER B 320 -6.24 21.28 -4.39
C SER B 320 -7.45 20.61 -3.75
PA NAP C . -16.16 -14.47 4.22
O1A NAP C . -14.91 -15.34 4.28
O2A NAP C . -17.47 -15.18 4.03
O5B NAP C . -16.13 -13.74 5.64
C5B NAP C . -17.23 -12.88 5.96
C4B NAP C . -17.07 -12.17 7.31
O4B NAP C . -16.81 -13.13 8.37
C3B NAP C . -15.87 -11.24 7.24
O3B NAP C . -16.16 -9.91 6.79
C2B NAP C . -15.25 -11.32 8.61
O2B NAP C . -15.27 -10.12 9.32
C1B NAP C . -16.06 -12.39 9.32
N9A NAP C . -15.23 -13.36 10.01
C8A NAP C . -14.04 -13.85 9.61
N7A NAP C . -13.56 -14.73 10.48
C5A NAP C . -14.41 -14.81 11.48
C6A NAP C . -14.45 -15.55 12.73
N6A NAP C . -13.46 -16.41 13.06
N1A NAP C . -15.53 -15.36 13.52
C2A NAP C . -16.53 -14.52 13.18
N3A NAP C . -16.53 -13.78 12.04
C4A NAP C . -15.52 -13.90 11.17
O3 NAP C . -15.99 -13.21 3.25
PN NAP C . -16.09 -13.05 1.62
O1N NAP C . -15.34 -11.79 1.42
O2N NAP C . -17.49 -13.15 1.13
O5D NAP C . -15.30 -14.36 1.03
C5D NAP C . -13.95 -14.67 1.37
C4D NAP C . -13.03 -14.34 0.21
O4D NAP C . -13.49 -15.06 -0.94
C3D NAP C . -12.98 -12.90 -0.28
O3D NAP C . -12.25 -11.92 0.47
C2D NAP C . -12.44 -13.09 -1.68
O2D NAP C . -11.04 -13.26 -1.61
C1D NAP C . -13.13 -14.35 -2.15
N1N NAP C . -14.33 -14.11 -2.99
C2N NAP C . -14.35 -14.51 -4.27
C3N NAP C . -15.46 -14.31 -5.07
C7N NAP C . -15.52 -14.68 -6.52
O7N NAP C . -16.37 -14.18 -7.23
N7N NAP C . -14.67 -15.55 -7.04
C4N NAP C . -16.56 -13.70 -4.52
C5N NAP C . -16.55 -13.32 -3.22
C6N NAP C . -15.44 -13.54 -2.47
P2B NAP C . -13.93 -9.36 9.86
O1X NAP C . -14.56 -8.23 10.66
O2X NAP C . -13.24 -10.38 10.72
O3X NAP C . -13.14 -8.91 8.69
O3 GBM D . -14.87 -11.47 -5.89
O4 GBM D . -18.46 -9.66 -4.70
O5 GBM D . -16.98 -9.01 -2.82
S2 GBM D . -17.23 -9.11 -4.22
N8 GBM D . -16.86 -11.45 -6.82
N9 GBM D . -16.04 -10.04 -4.87
C11 GBM D . -18.02 -10.82 -7.44
C12 GBM D . -19.31 -11.51 -6.96
C13 GBM D . -17.88 -10.92 -8.97
C14 GBM D . -19.54 -12.84 -7.70
C15 GBM D . -19.21 -11.29 -9.65
C16 GBM D . -19.75 -12.64 -9.19
C17 GBM D . -15.98 -10.99 -5.88
C18 GBM D . -17.04 -7.50 -4.94
C19 GBM D . -16.75 -4.96 -6.08
C20 GBM D . -16.61 -3.55 -6.62
C21 GBM D . -18.15 -6.86 -5.52
C22 GBM D . -15.80 -6.89 -4.95
C23 GBM D . -17.98 -5.63 -6.11
C24 GBM D . -15.67 -5.62 -5.50
PA NAP E . 10.48 22.63 12.91
O1A NAP E . 11.36 21.38 12.93
O2A NAP E . 8.99 22.54 12.83
O5B NAP E . 10.86 23.50 14.23
C5B NAP E . 10.23 24.78 14.43
C4B NAP E . 10.90 25.48 15.58
O4B NAP E . 10.90 24.60 16.72
C3B NAP E . 12.38 25.76 15.29
O3B NAP E . 12.60 27.00 14.67
C2B NAP E . 13.07 25.59 16.65
O2B NAP E . 13.59 26.81 17.18
C1B NAP E . 11.98 25.00 17.54
N9A NAP E . 12.43 23.86 18.36
C8A NAP E . 13.26 22.85 17.99
N7A NAP E . 13.42 21.96 18.99
C5A NAP E . 12.72 22.39 20.04
C6A NAP E . 12.50 21.93 21.43
N6A NAP E . 13.10 20.77 21.82
N1A NAP E . 11.69 22.66 22.25
C2A NAP E . 11.09 23.78 21.80
N3A NAP E . 11.26 24.24 20.54
C4A NAP E . 12.05 23.63 19.63
O3 NAP E . 10.98 23.72 11.83
PN NAP E . 10.96 23.57 10.23
O1N NAP E . 12.05 24.49 9.76
O2N NAP E . 9.61 23.67 9.66
O5D NAP E . 11.52 22.09 10.26
C5D NAP E . 11.52 21.20 9.23
C4D NAP E . 12.88 21.05 8.62
O4D NAP E . 12.49 20.24 7.53
C3D NAP E . 13.58 22.28 8.01
O3D NAP E . 14.76 22.75 8.67
C2D NAP E . 13.91 21.75 6.61
O2D NAP E . 15.07 20.90 6.53
C1D NAP E . 12.77 20.81 6.28
N1N NAP E . 11.64 21.47 5.64
C2N NAP E . 11.37 21.05 4.42
C3N NAP E . 10.35 21.60 3.68
C7N NAP E . 10.04 21.10 2.30
O7N NAP E . 9.42 21.83 1.51
N7N NAP E . 10.38 19.85 1.96
C4N NAP E . 9.62 22.62 4.25
C5N NAP E . 9.90 23.07 5.52
C6N NAP E . 10.92 22.46 6.20
P2B NAP E . 15.15 26.97 17.61
O1X NAP E . 15.25 28.35 18.22
O2X NAP E . 15.44 25.85 18.57
O3X NAP E . 15.89 26.86 16.27
O3 GBM F . 12.05 23.57 1.98
O4 GBM F . 9.91 26.25 3.98
O5 GBM F . 11.88 26.86 5.34
S2 GBM F . 11.30 26.58 4.06
N8 GBM F . 10.32 25.17 1.86
N9 GBM F . 12.05 25.27 3.46
C11 GBM F . 9.48 24.67 0.76
C12 GBM F . 9.77 25.36 -0.55
C13 GBM F . 8.00 24.81 1.14
C14 GBM F . 8.91 24.78 -1.66
C15 GBM F . 7.08 24.29 0.03
C16 GBM F . 7.41 24.91 -1.33
C17 GBM F . 11.52 24.60 2.37
C18 GBM F . 11.62 27.94 2.99
C19 GBM F . 12.14 30.22 1.46
C20 GBM F . 12.43 31.50 0.71
C21 GBM F . 12.93 28.38 2.82
C22 GBM F . 10.57 28.61 2.37
C23 GBM F . 13.17 29.52 2.07
C24 GBM F . 10.84 29.74 1.61
#